data_5A76
#
_entry.id   5A76
#
_cell.length_a   200.224
_cell.length_b   200.224
_cell.length_c   83.620
_cell.angle_alpha   90.00
_cell.angle_beta   90.00
_cell.angle_gamma   90.00
#
_symmetry.space_group_name_H-M   'C 2 2 21'
#
loop_
_entity.id
_entity.type
_entity.pdbx_description
1 polymer 'ORF 73'
2 non-polymer 'MAGNESIUM ION'
#
_entity_poly.entity_id   1
_entity_poly.type   'polypeptide(L)'
_entity_poly.pdbx_seq_one_letter_code
;GPVPYRQIDDCPAKARPQHIFYRRFLGKDGRRDPKCQWKFAVIFWGNDPYGLKKLSQAFQFGGVKAGPVSCLPHPGPDQS
PITYCVYVYCQNKDTSKKVQMARLAWEASHPLAGNLQSSIVKFKKPLPLTQPGE
;
_entity_poly.pdbx_strand_id   A,B,C,D,E,F,G,H
#
loop_
_chem_comp.id
_chem_comp.type
_chem_comp.name
_chem_comp.formula
MG non-polymer 'MAGNESIUM ION' 'Mg 2'
#
# COMPACT_ATOMS: atom_id res chain seq x y z
N ALA A 13 -6.37 -2.99 2.50
CA ALA A 13 -6.52 -1.54 2.24
C ALA A 13 -7.18 -1.32 0.86
N LYS A 14 -6.56 -1.90 -0.16
CA LYS A 14 -6.77 -1.46 -1.53
C LYS A 14 -8.02 -1.97 -2.22
N ALA A 15 -8.60 -3.06 -1.73
CA ALA A 15 -9.77 -3.67 -2.36
C ALA A 15 -11.09 -3.26 -1.70
N ARG A 16 -11.09 -2.10 -1.03
CA ARG A 16 -12.28 -1.59 -0.37
C ARG A 16 -13.38 -1.16 -1.35
N PRO A 17 -13.05 -0.38 -2.39
CA PRO A 17 -14.13 0.05 -3.31
C PRO A 17 -14.81 -1.10 -4.04
N GLN A 18 -14.04 -2.13 -4.40
CA GLN A 18 -14.59 -3.32 -5.09
C GLN A 18 -15.41 -4.14 -4.14
N HIS A 19 -15.01 -4.15 -2.87
CA HIS A 19 -15.72 -4.84 -1.79
C HIS A 19 -17.12 -4.25 -1.62
N ILE A 20 -17.22 -2.93 -1.60
CA ILE A 20 -18.48 -2.24 -1.40
C ILE A 20 -19.38 -2.38 -2.62
N PHE A 21 -18.77 -2.39 -3.81
CA PHE A 21 -19.51 -2.56 -5.05
C PHE A 21 -20.27 -3.87 -5.03
N TYR A 22 -19.59 -4.95 -4.66
CA TYR A 22 -20.20 -6.26 -4.55
C TYR A 22 -21.20 -6.29 -3.42
N ARG A 23 -20.93 -5.58 -2.34
CA ARG A 23 -21.80 -5.55 -1.16
C ARG A 23 -23.20 -5.10 -1.54
N ARG A 24 -23.29 -4.00 -2.24
CA ARG A 24 -24.58 -3.40 -2.62
C ARG A 24 -25.15 -4.09 -3.85
N PHE A 25 -24.27 -4.65 -4.68
CA PHE A 25 -24.69 -5.41 -5.85
C PHE A 25 -25.37 -6.70 -5.45
N LEU A 26 -24.73 -7.46 -4.58
CA LEU A 26 -25.20 -8.80 -4.22
C LEU A 26 -26.51 -8.77 -3.46
N GLY A 27 -26.74 -7.67 -2.74
CA GLY A 27 -27.99 -7.49 -2.01
C GLY A 27 -28.34 -8.61 -1.06
N LYS A 28 -29.32 -9.44 -1.42
CA LYS A 28 -29.76 -10.53 -0.58
C LYS A 28 -28.71 -11.61 -0.43
N ASP A 29 -28.11 -12.04 -1.53
CA ASP A 29 -27.23 -13.20 -1.48
C ASP A 29 -26.04 -13.07 -0.55
N GLY A 30 -25.76 -11.87 -0.10
CA GLY A 30 -24.65 -11.69 0.84
C GLY A 30 -24.87 -12.38 2.16
N ARG A 31 -25.90 -11.99 2.86
CA ARG A 31 -26.25 -12.61 4.15
C ARG A 31 -26.15 -14.13 4.09
N PRO A 34 -28.35 -18.50 5.55
CA PRO A 34 -29.34 -19.57 5.45
C PRO A 34 -28.85 -20.89 6.07
N LYS A 35 -29.19 -21.41 5.82
CA LYS A 35 -28.96 -22.82 6.00
C LYS A 35 -29.17 -23.58 4.73
N CYS A 36 -28.70 -23.64 3.94
CA CYS A 36 -28.11 -24.33 2.80
C CYS A 36 -26.59 -24.41 2.74
N GLN A 37 -26.14 -25.63 2.44
CA GLN A 37 -24.75 -25.99 2.32
C GLN A 37 -24.24 -25.47 0.98
N TRP A 38 -22.93 -25.44 0.81
CA TRP A 38 -22.34 -24.94 -0.42
C TRP A 38 -22.02 -26.01 -1.44
N LYS A 39 -22.61 -25.92 -2.61
CA LYS A 39 -22.34 -26.87 -3.70
C LYS A 39 -22.04 -26.18 -5.02
N PHE A 40 -21.84 -24.88 -4.97
CA PHE A 40 -21.54 -24.08 -6.17
C PHE A 40 -20.46 -23.06 -5.90
N ALA A 41 -19.76 -22.67 -6.96
CA ALA A 41 -18.71 -21.67 -6.86
C ALA A 41 -18.45 -21.04 -8.22
N VAL A 42 -17.58 -20.03 -8.24
CA VAL A 42 -17.16 -19.40 -9.49
C VAL A 42 -15.65 -19.31 -9.52
N ILE A 43 -15.05 -19.92 -10.53
CA ILE A 43 -13.61 -19.83 -10.71
C ILE A 43 -13.27 -18.67 -11.63
N PHE A 44 -12.45 -17.73 -11.14
CA PHE A 44 -11.91 -16.67 -11.95
C PHE A 44 -10.45 -16.98 -12.25
N TRP A 45 -10.00 -16.74 -13.47
CA TRP A 45 -8.61 -16.95 -13.84
C TRP A 45 -8.07 -15.92 -14.82
N GLY A 46 -6.83 -15.54 -14.63
CA GLY A 46 -6.15 -14.59 -15.53
C GLY A 46 -4.65 -14.65 -15.33
N ASN A 47 -3.93 -13.94 -16.18
CA ASN A 47 -2.47 -13.91 -16.14
C ASN A 47 -1.90 -13.09 -14.99
N ASP A 48 -2.39 -11.85 -14.84
CA ASP A 48 -1.97 -10.98 -13.73
C ASP A 48 -2.57 -11.52 -12.42
N PRO A 49 -1.74 -11.76 -11.40
CA PRO A 49 -2.29 -12.31 -10.13
C PRO A 49 -2.88 -11.31 -9.15
N TYR A 50 -2.26 -10.16 -9.00
CA TYR A 50 -2.68 -9.19 -7.96
C TYR A 50 -4.07 -8.67 -8.16
N GLY A 51 -4.54 -8.68 -9.41
CA GLY A 51 -5.91 -8.32 -9.74
C GLY A 51 -6.88 -9.27 -9.09
N LEU A 52 -6.47 -10.55 -8.99
CA LEU A 52 -7.30 -11.58 -8.37
C LEU A 52 -7.18 -11.52 -6.88
N LYS A 53 -6.01 -11.10 -6.41
CA LYS A 53 -5.76 -10.94 -4.98
C LYS A 53 -6.75 -9.94 -4.41
N LYS A 54 -7.02 -8.87 -5.16
CA LYS A 54 -8.01 -7.89 -4.76
C LYS A 54 -9.41 -8.46 -4.90
N LEU A 55 -9.63 -9.25 -5.94
CA LEU A 55 -10.92 -9.90 -6.15
C LEU A 55 -11.21 -10.87 -5.00
N SER A 56 -10.16 -11.58 -4.58
CA SER A 56 -10.28 -12.54 -3.49
C SER A 56 -10.63 -11.84 -2.19
N GLN A 57 -9.96 -10.73 -1.94
CA GLN A 57 -10.20 -9.94 -0.74
C GLN A 57 -11.57 -9.29 -0.76
N ALA A 58 -12.06 -8.98 -1.96
CA ALA A 58 -13.32 -8.28 -2.12
C ALA A 58 -14.52 -9.19 -1.86
N PHE A 59 -14.46 -10.41 -2.38
CA PHE A 59 -15.54 -11.37 -2.21
C PHE A 59 -15.44 -12.09 -0.88
N GLN A 60 -15.77 -11.39 0.19
CA GLN A 60 -15.77 -11.96 1.53
C GLN A 60 -17.03 -11.56 2.28
N PHE A 61 -18.08 -12.34 2.11
CA PHE A 61 -19.36 -12.12 2.77
C PHE A 61 -19.82 -13.41 3.43
N GLY A 62 -20.89 -13.33 4.21
CA GLY A 62 -21.41 -14.53 4.88
C GLY A 62 -21.92 -15.56 3.89
N GLY A 63 -22.38 -15.10 2.74
CA GLY A 63 -22.95 -15.97 1.72
C GLY A 63 -22.02 -16.26 0.58
N VAL A 64 -20.99 -15.44 0.42
CA VAL A 64 -20.02 -15.61 -0.66
C VAL A 64 -18.60 -15.47 -0.12
N LYS A 65 -17.87 -16.58 -0.13
CA LYS A 65 -16.49 -16.59 0.35
C LYS A 65 -15.53 -17.04 -0.73
N ALA A 66 -14.50 -16.23 -0.96
CA ALA A 66 -13.45 -16.56 -1.92
C ALA A 66 -12.28 -17.23 -1.18
N GLY A 67 -11.74 -18.26 -1.78
CA GLY A 67 -10.48 -18.83 -1.30
C GLY A 67 -9.33 -17.95 -1.71
N PRO A 68 -8.09 -18.30 -1.35
CA PRO A 68 -6.93 -17.53 -1.79
C PRO A 68 -6.58 -17.81 -3.25
N VAL A 69 -5.67 -17.00 -3.79
CA VAL A 69 -5.23 -17.18 -5.18
C VAL A 69 -4.39 -18.45 -5.30
N SER A 70 -4.54 -19.15 -6.41
CA SER A 70 -3.67 -20.28 -6.74
C SER A 70 -3.59 -20.43 -8.25
N CYS A 71 -2.98 -21.52 -8.73
CA CYS A 71 -2.66 -21.66 -10.15
C CYS A 71 -3.42 -22.81 -10.81
N LEU A 72 -3.27 -22.85 -12.14
CA LEU A 72 -3.84 -23.88 -12.98
C LEU A 72 -2.65 -24.57 -13.61
N PRO A 73 -2.75 -25.94 -13.75
CA PRO A 73 -1.56 -26.57 -14.35
C PRO A 73 -1.41 -26.13 -15.80
N HIS A 74 -0.17 -26.01 -16.25
CA HIS A 74 0.11 -25.59 -17.63
C HIS A 74 -0.11 -26.75 -18.59
N PRO A 81 3.97 -19.21 -19.48
CA PRO A 81 3.38 -18.08 -18.66
C PRO A 81 2.14 -18.52 -17.86
N ILE A 82 2.15 -18.19 -16.57
CA ILE A 82 1.28 -18.87 -15.60
C ILE A 82 -0.14 -18.34 -15.69
N THR A 83 -1.11 -19.17 -15.33
CA THR A 83 -2.49 -18.74 -15.17
C THR A 83 -2.94 -18.93 -13.72
N TYR A 84 -3.05 -17.82 -13.02
CA TYR A 84 -3.53 -17.83 -11.64
C TYR A 84 -5.04 -17.88 -11.62
N CYS A 85 -5.60 -18.36 -10.52
CA CYS A 85 -7.05 -18.41 -10.36
C CYS A 85 -7.49 -18.30 -8.91
N VAL A 86 -8.77 -18.00 -8.72
CA VAL A 86 -9.36 -17.95 -7.40
C VAL A 86 -10.75 -18.52 -7.46
N TYR A 87 -11.08 -19.37 -6.49
CA TYR A 87 -12.45 -19.88 -6.39
C TYR A 87 -13.26 -19.00 -5.46
N VAL A 88 -14.47 -18.70 -5.89
CA VAL A 88 -15.39 -17.90 -5.08
C VAL A 88 -16.61 -18.78 -4.80
N TYR A 89 -16.64 -19.37 -3.61
CA TYR A 89 -17.67 -20.35 -3.24
C TYR A 89 -18.96 -19.67 -2.87
N CYS A 90 -20.08 -20.37 -3.10
CA CYS A 90 -21.41 -19.79 -2.94
C CYS A 90 -22.38 -20.71 -2.22
N GLN A 91 -23.58 -20.19 -1.97
CA GLN A 91 -24.68 -20.97 -1.38
C GLN A 91 -25.33 -21.87 -2.43
N ASN A 92 -25.85 -21.23 -3.47
CA ASN A 92 -26.66 -21.90 -4.49
C ASN A 92 -26.26 -21.47 -5.89
N LYS A 93 -26.80 -22.14 -6.91
CA LYS A 93 -26.56 -21.75 -8.30
C LYS A 93 -27.03 -20.35 -8.63
N ASP A 94 -28.07 -19.90 -7.96
CA ASP A 94 -28.56 -18.52 -8.08
C ASP A 94 -27.55 -17.47 -7.70
N THR A 95 -26.89 -17.71 -6.56
CA THR A 95 -25.85 -16.82 -6.06
C THR A 95 -24.67 -16.89 -7.01
N SER A 96 -24.31 -18.10 -7.42
CA SER A 96 -23.12 -18.33 -8.22
C SER A 96 -23.10 -17.51 -9.49
N LYS A 97 -24.23 -17.48 -10.19
CA LYS A 97 -24.32 -16.69 -11.41
C LYS A 97 -24.28 -15.21 -11.08
N LYS A 98 -24.83 -14.85 -9.91
CA LYS A 98 -24.85 -13.45 -9.48
C LYS A 98 -23.46 -12.91 -9.21
N VAL A 99 -22.60 -13.74 -8.63
CA VAL A 99 -21.22 -13.36 -8.39
C VAL A 99 -20.53 -13.03 -9.70
N GLN A 100 -20.73 -13.89 -10.68
CA GLN A 100 -20.18 -13.68 -12.00
C GLN A 100 -20.69 -12.37 -12.60
N MET A 101 -22.00 -12.16 -12.55
CA MET A 101 -22.61 -10.93 -13.08
C MET A 101 -22.09 -9.71 -12.34
N ALA A 102 -21.86 -9.86 -11.02
CA ALA A 102 -21.32 -8.77 -10.22
C ALA A 102 -19.97 -8.34 -10.76
N ARG A 103 -19.12 -9.31 -11.02
CA ARG A 103 -17.79 -9.05 -11.52
C ARG A 103 -17.84 -8.39 -12.90
N LEU A 104 -18.54 -9.03 -13.84
CA LEU A 104 -18.65 -8.50 -15.19
C LEU A 104 -19.19 -7.07 -15.19
N ALA A 105 -20.10 -6.78 -14.26
CA ALA A 105 -20.60 -5.43 -14.10
C ALA A 105 -19.49 -4.49 -13.68
N TRP A 106 -18.68 -4.92 -12.71
CA TRP A 106 -17.53 -4.14 -12.24
C TRP A 106 -16.53 -3.91 -13.35
N GLU A 107 -16.30 -4.94 -14.15
CA GLU A 107 -15.32 -4.89 -15.24
C GLU A 107 -15.70 -3.79 -16.22
N ALA A 108 -16.94 -3.83 -16.71
CA ALA A 108 -17.45 -2.83 -17.63
C ALA A 108 -17.57 -1.48 -16.93
N SER A 109 -17.88 -1.52 -15.63
CA SER A 109 -18.12 -0.31 -14.85
C SER A 109 -16.85 0.53 -14.63
N HIS A 110 -15.77 -0.13 -14.25
CA HIS A 110 -14.48 0.56 -13.96
C HIS A 110 -13.43 0.13 -14.96
N PRO A 111 -12.90 1.10 -15.73
CA PRO A 111 -12.09 0.69 -16.91
C PRO A 111 -10.75 0.14 -16.47
N LEU A 112 -10.29 0.58 -15.32
CA LEU A 112 -9.00 0.19 -14.72
C LEU A 112 -8.88 -1.37 -14.71
N ALA A 113 -9.86 -2.03 -14.12
CA ALA A 113 -9.84 -3.47 -13.94
C ALA A 113 -9.72 -4.26 -15.22
N GLY A 114 -8.85 -5.27 -15.21
CA GLY A 114 -8.59 -6.11 -16.37
C GLY A 114 -9.63 -7.19 -16.54
N ASN A 115 -9.74 -7.72 -17.75
CA ASN A 115 -10.72 -8.78 -18.06
C ASN A 115 -10.25 -10.14 -17.54
N LEU A 116 -11.05 -10.72 -16.65
CA LEU A 116 -10.76 -12.06 -16.11
C LEU A 116 -11.78 -13.06 -16.57
N GLN A 117 -11.30 -14.13 -17.20
CA GLN A 117 -12.18 -15.20 -17.64
C GLN A 117 -12.65 -15.98 -16.42
N SER A 118 -13.90 -16.41 -16.41
CA SER A 118 -14.48 -17.12 -15.29
C SER A 118 -15.31 -18.32 -15.73
N SER A 119 -15.83 -19.06 -14.77
CA SER A 119 -16.71 -20.19 -15.04
C SER A 119 -17.45 -20.64 -13.79
N ILE A 120 -18.74 -20.95 -13.95
CA ILE A 120 -19.54 -21.43 -12.83
C ILE A 120 -19.11 -22.84 -12.49
N VAL A 121 -19.17 -23.19 -11.20
CA VAL A 121 -18.70 -24.48 -10.73
C VAL A 121 -19.84 -25.22 -10.01
N LYS A 122 -19.89 -26.55 -10.20
CA LYS A 122 -20.91 -27.38 -9.58
C LYS A 122 -20.26 -28.55 -8.84
N PHE A 123 -20.50 -28.63 -7.53
CA PHE A 123 -19.98 -29.71 -6.71
C PHE A 123 -21.05 -30.74 -6.39
N LYS A 124 -20.73 -32.02 -6.60
CA LYS A 124 -21.69 -33.07 -6.32
C LYS A 124 -21.95 -33.23 -4.83
N LYS A 125 -20.87 -33.08 -4.05
CA LYS A 125 -20.95 -33.23 -2.60
C LYS A 125 -20.67 -31.88 -1.93
N PRO A 126 -21.51 -31.49 -0.96
CA PRO A 126 -21.28 -30.20 -0.29
C PRO A 126 -20.01 -30.16 0.57
N LEU A 127 -19.41 -28.98 0.68
CA LEU A 127 -18.11 -28.79 1.38
C LEU A 127 -18.39 -28.14 2.74
N PRO A 128 -17.36 -27.97 3.60
CA PRO A 128 -17.64 -27.43 4.93
C PRO A 128 -17.57 -25.91 5.00
N LEU A 129 -18.63 -25.27 5.50
CA LEU A 129 -18.59 -23.82 5.76
C LEU A 129 -17.51 -23.47 6.77
N PRO B 12 8.82 -36.20 -8.36
CA PRO B 12 7.81 -36.88 -7.54
C PRO B 12 8.47 -37.80 -6.49
N ALA B 13 9.60 -37.35 -5.96
CA ALA B 13 10.51 -38.25 -5.19
C ALA B 13 9.78 -38.96 -4.04
N LYS B 14 9.07 -38.19 -3.23
CA LYS B 14 8.33 -38.73 -2.09
C LYS B 14 6.95 -39.27 -2.52
N ALA B 15 6.48 -38.81 -3.67
CA ALA B 15 5.18 -39.21 -4.20
C ALA B 15 5.34 -40.08 -5.43
N ARG B 16 6.53 -40.66 -5.61
CA ARG B 16 6.78 -41.59 -6.71
C ARG B 16 5.96 -42.87 -6.56
N PRO B 17 5.99 -43.51 -5.38
CA PRO B 17 5.27 -44.79 -5.28
C PRO B 17 3.78 -44.63 -5.50
N GLN B 18 3.24 -43.51 -4.98
CA GLN B 18 1.83 -43.21 -5.14
C GLN B 18 1.50 -42.93 -6.58
N HIS B 19 2.38 -42.18 -7.25
CA HIS B 19 2.18 -41.84 -8.65
C HIS B 19 2.11 -43.09 -9.52
N ILE B 20 3.02 -44.04 -9.28
CA ILE B 20 3.07 -45.28 -10.07
C ILE B 20 1.77 -46.06 -9.91
N PHE B 21 1.26 -46.11 -8.68
CA PHE B 21 0.01 -46.80 -8.39
C PHE B 21 -1.13 -46.24 -9.22
N TYR B 22 -1.26 -44.91 -9.22
CA TYR B 22 -2.31 -44.23 -9.98
C TYR B 22 -2.17 -44.52 -11.47
N ARG B 23 -0.95 -44.41 -12.00
CA ARG B 23 -0.69 -44.64 -13.41
C ARG B 23 -1.24 -45.97 -13.89
N ARG B 24 -0.84 -47.04 -13.21
CA ARG B 24 -1.30 -48.38 -13.54
C ARG B 24 -2.81 -48.48 -13.37
N PHE B 25 -3.32 -47.85 -12.32
CA PHE B 25 -4.74 -47.91 -12.00
C PHE B 25 -5.59 -47.21 -13.06
N LEU B 26 -5.26 -45.96 -13.36
CA LEU B 26 -6.06 -45.18 -14.29
C LEU B 26 -6.05 -45.77 -15.69
N GLY B 27 -4.91 -46.30 -16.10
CA GLY B 27 -4.81 -46.96 -17.41
C GLY B 27 -4.81 -46.01 -18.58
N LYS B 28 -5.77 -46.17 -19.49
CA LYS B 28 -5.81 -45.36 -20.70
C LYS B 28 -6.37 -43.96 -20.44
N ASP B 29 -7.09 -43.81 -19.34
CA ASP B 29 -7.66 -42.52 -18.96
C ASP B 29 -6.58 -41.48 -18.69
N GLY B 30 -5.34 -41.92 -18.60
CA GLY B 30 -4.22 -41.02 -18.42
C GLY B 30 -3.86 -40.25 -19.68
N ARG B 31 -4.16 -40.83 -20.84
CA ARG B 31 -3.89 -40.17 -22.12
C ARG B 31 -4.97 -39.16 -22.47
N ARG B 32 -4.67 -38.27 -23.42
CA ARG B 32 -5.69 -37.36 -23.95
C ARG B 32 -6.78 -37.99 -24.79
N CYS B 36 -11.77 -33.71 -26.37
CA CYS B 36 -11.14 -33.90 -25.08
C CYS B 36 -11.08 -32.58 -24.32
N GLN B 37 -12.24 -32.05 -23.94
CA GLN B 37 -12.29 -30.78 -23.21
C GLN B 37 -12.30 -30.96 -21.70
N TRP B 38 -11.67 -30.02 -21.00
CA TRP B 38 -11.54 -30.06 -19.55
C TRP B 38 -12.67 -29.30 -18.88
N LYS B 39 -13.61 -30.03 -18.33
CA LYS B 39 -14.82 -29.49 -17.76
C LYS B 39 -15.20 -30.16 -16.46
N PHE B 40 -14.38 -31.12 -16.03
CA PHE B 40 -14.61 -31.84 -14.78
C PHE B 40 -13.35 -31.86 -13.96
N ALA B 41 -13.52 -32.06 -12.66
CA ALA B 41 -12.41 -32.16 -11.72
C ALA B 41 -12.83 -32.84 -10.46
N VAL B 42 -11.87 -33.14 -9.60
CA VAL B 42 -12.15 -33.69 -8.27
C VAL B 42 -11.42 -32.86 -7.25
N ILE B 43 -12.17 -32.37 -6.27
CA ILE B 43 -11.56 -31.60 -5.18
C ILE B 43 -11.37 -32.53 -3.99
N PHE B 44 -10.14 -32.62 -3.50
CA PHE B 44 -9.85 -33.33 -2.26
C PHE B 44 -9.57 -32.28 -1.19
N TRP B 45 -10.04 -32.50 0.03
CA TRP B 45 -9.76 -31.62 1.13
C TRP B 45 -9.56 -32.36 2.45
N GLY B 46 -8.56 -31.92 3.20
CA GLY B 46 -8.26 -32.45 4.53
C GLY B 46 -7.49 -31.39 5.28
N ASN B 47 -6.96 -31.75 6.44
CA ASN B 47 -6.27 -30.80 7.32
C ASN B 47 -4.76 -30.96 7.31
N ASP B 48 -4.25 -31.99 6.64
CA ASP B 48 -2.79 -32.25 6.56
C ASP B 48 -2.29 -31.91 5.16
N PRO B 49 -1.66 -30.72 4.97
CA PRO B 49 -1.31 -30.22 3.64
C PRO B 49 -0.42 -31.15 2.81
N TYR B 50 0.66 -31.62 3.42
CA TYR B 50 1.69 -32.32 2.69
C TYR B 50 1.20 -33.64 2.12
N GLY B 51 0.21 -34.24 2.78
CA GLY B 51 -0.47 -35.39 2.23
C GLY B 51 -1.10 -35.03 0.92
N LEU B 52 -1.70 -33.85 0.85
CA LEU B 52 -2.30 -33.36 -0.40
C LEU B 52 -1.22 -32.93 -1.39
N LYS B 53 -0.10 -32.42 -0.87
CA LYS B 53 1.00 -32.00 -1.73
C LYS B 53 1.56 -33.20 -2.50
N LYS B 54 1.62 -34.33 -1.85
CA LYS B 54 2.03 -35.58 -2.47
C LYS B 54 0.97 -36.07 -3.44
N LEU B 55 -0.29 -35.86 -3.08
CA LEU B 55 -1.41 -36.19 -3.95
C LEU B 55 -1.35 -35.32 -5.20
N SER B 56 -1.03 -34.06 -5.02
CA SER B 56 -0.92 -33.12 -6.12
C SER B 56 0.21 -33.54 -7.07
N GLN B 57 1.33 -33.91 -6.50
CA GLN B 57 2.49 -34.36 -7.28
C GLN B 57 2.23 -35.68 -7.98
N ALA B 58 1.38 -36.49 -7.38
CA ALA B 58 1.09 -37.83 -7.91
C ALA B 58 0.17 -37.78 -9.12
N PHE B 59 -0.87 -36.96 -9.06
CA PHE B 59 -1.81 -36.83 -10.17
C PHE B 59 -1.29 -35.87 -11.22
N GLN B 60 -0.30 -36.32 -11.97
CA GLN B 60 0.29 -35.54 -13.04
C GLN B 60 0.47 -36.37 -14.30
N PHE B 61 -0.61 -36.44 -15.08
CA PHE B 61 -0.59 -37.15 -16.35
C PHE B 61 -1.08 -36.22 -17.45
N GLY B 62 -1.03 -36.71 -18.68
CA GLY B 62 -1.55 -35.94 -19.81
C GLY B 62 -3.08 -35.81 -19.75
N GLY B 63 -3.72 -36.75 -19.08
CA GLY B 63 -5.17 -36.79 -19.02
C GLY B 63 -5.76 -36.21 -17.75
N VAL B 64 -4.99 -36.27 -16.68
CA VAL B 64 -5.41 -35.73 -15.38
C VAL B 64 -4.27 -34.90 -14.79
N LYS B 65 -4.56 -33.63 -14.48
CA LYS B 65 -3.56 -32.69 -13.97
C LYS B 65 -4.03 -32.05 -12.67
N ALA B 66 -3.20 -32.16 -11.65
CA ALA B 66 -3.49 -31.55 -10.35
C ALA B 66 -3.01 -30.14 -10.30
N GLY B 67 -3.84 -29.25 -9.75
CA GLY B 67 -3.42 -27.88 -9.41
C GLY B 67 -2.60 -27.94 -8.14
N PRO B 68 -2.07 -26.82 -7.67
CA PRO B 68 -1.32 -26.81 -6.41
C PRO B 68 -2.24 -26.84 -5.19
N VAL B 69 -1.68 -27.09 -4.01
CA VAL B 69 -2.48 -27.07 -2.79
C VAL B 69 -2.93 -25.68 -2.45
N SER B 70 -4.15 -25.54 -1.94
CA SER B 70 -4.62 -24.25 -1.40
C SER B 70 -5.58 -24.48 -0.28
N CYS B 71 -6.30 -23.43 0.13
CA CYS B 71 -7.22 -23.53 1.27
C CYS B 71 -8.67 -23.29 0.85
N LEU B 72 -9.59 -23.61 1.75
CA LEU B 72 -10.98 -23.17 1.63
C LEU B 72 -11.22 -22.12 2.68
N PRO B 73 -12.14 -21.19 2.42
CA PRO B 73 -12.37 -20.18 3.45
C PRO B 73 -13.07 -20.76 4.66
N HIS B 74 -13.13 -19.99 5.75
CA HIS B 74 -13.86 -20.50 6.92
C HIS B 74 -14.64 -19.48 7.75
N GLN B 79 -13.18 -21.99 15.61
CA GLN B 79 -11.85 -22.05 14.99
C GLN B 79 -11.55 -23.42 14.42
N SER B 80 -12.21 -23.76 13.32
CA SER B 80 -11.98 -25.05 12.69
C SER B 80 -10.59 -25.09 12.09
N PRO B 81 -9.98 -26.26 12.12
CA PRO B 81 -8.61 -26.38 11.63
C PRO B 81 -8.60 -25.96 10.20
N ILE B 82 -7.51 -25.32 9.76
CA ILE B 82 -7.45 -24.86 8.39
C ILE B 82 -7.65 -26.06 7.52
N THR B 83 -8.55 -25.95 6.55
CA THR B 83 -8.80 -27.07 5.67
C THR B 83 -8.15 -26.73 4.36
N TYR B 84 -7.22 -27.58 3.98
CA TYR B 84 -6.47 -27.39 2.73
C TYR B 84 -7.11 -28.24 1.67
N CYS B 85 -6.83 -27.93 0.40
CA CYS B 85 -7.45 -28.69 -0.71
C CYS B 85 -6.62 -28.63 -1.98
N VAL B 86 -6.90 -29.56 -2.88
CA VAL B 86 -6.28 -29.59 -4.19
C VAL B 86 -7.30 -30.05 -5.21
N TYR B 87 -7.30 -29.39 -6.35
CA TYR B 87 -8.15 -29.78 -7.47
C TYR B 87 -7.34 -30.66 -8.42
N VAL B 88 -7.94 -31.76 -8.85
CA VAL B 88 -7.37 -32.56 -9.92
C VAL B 88 -8.32 -32.49 -11.13
N TYR B 89 -7.92 -31.68 -12.12
CA TYR B 89 -8.74 -31.43 -13.29
C TYR B 89 -8.70 -32.59 -14.25
N CYS B 90 -9.79 -32.81 -14.95
CA CYS B 90 -9.92 -33.97 -15.82
C CYS B 90 -10.71 -33.64 -17.08
N GLN B 91 -10.68 -34.57 -18.03
CA GLN B 91 -11.21 -34.33 -19.36
C GLN B 91 -12.68 -34.72 -19.51
N ASN B 92 -13.11 -35.77 -18.81
CA ASN B 92 -14.54 -36.14 -18.80
C ASN B 92 -15.00 -36.63 -17.44
N LYS B 93 -16.31 -36.74 -17.27
CA LYS B 93 -16.90 -37.24 -16.03
C LYS B 93 -16.47 -38.67 -15.80
N ASP B 94 -16.16 -39.37 -16.88
CA ASP B 94 -15.73 -40.76 -16.84
C ASP B 94 -14.47 -40.93 -15.98
N THR B 95 -13.44 -40.15 -16.28
CA THR B 95 -12.16 -40.25 -15.59
C THR B 95 -12.24 -39.57 -14.20
N SER B 96 -13.12 -38.58 -14.07
CA SER B 96 -13.23 -37.82 -12.84
C SER B 96 -13.65 -38.70 -11.69
N LYS B 97 -14.62 -39.59 -11.93
CA LYS B 97 -15.04 -40.56 -10.92
C LYS B 97 -13.93 -41.55 -10.70
N LYS B 98 -13.23 -41.93 -11.75
CA LYS B 98 -12.10 -42.87 -11.64
C LYS B 98 -11.01 -42.34 -10.72
N VAL B 99 -10.77 -41.05 -10.77
CA VAL B 99 -9.79 -40.42 -9.88
C VAL B 99 -10.29 -40.48 -8.44
N GLN B 100 -11.60 -40.30 -8.25
CA GLN B 100 -12.20 -40.37 -6.94
C GLN B 100 -12.05 -41.79 -6.37
N MET B 101 -12.16 -42.80 -7.23
CA MET B 101 -11.95 -44.17 -6.81
C MET B 101 -10.46 -44.44 -6.57
N ALA B 102 -9.62 -43.94 -7.48
CA ALA B 102 -8.18 -44.19 -7.46
C ALA B 102 -7.56 -43.84 -6.12
N ARG B 103 -7.90 -42.66 -5.59
CA ARG B 103 -7.38 -42.21 -4.31
C ARG B 103 -8.00 -43.05 -3.21
N LEU B 104 -9.27 -43.42 -3.38
CA LEU B 104 -9.96 -44.20 -2.34
C LEU B 104 -9.29 -45.57 -2.18
N ALA B 105 -8.80 -46.12 -3.29
CA ALA B 105 -8.05 -47.36 -3.28
C ALA B 105 -6.74 -47.28 -2.52
N TRP B 106 -5.98 -46.24 -2.83
CA TRP B 106 -4.72 -45.99 -2.15
C TRP B 106 -4.93 -45.81 -0.63
N GLU B 107 -5.99 -45.10 -0.27
CA GLU B 107 -6.30 -44.83 1.13
C GLU B 107 -6.59 -46.10 1.89
N ALA B 108 -7.30 -47.02 1.24
CA ALA B 108 -7.58 -48.34 1.84
C ALA B 108 -6.35 -49.22 1.73
N SER B 109 -5.68 -49.15 0.59
CA SER B 109 -4.46 -49.92 0.34
C SER B 109 -3.39 -49.64 1.38
N HIS B 110 -3.09 -48.36 1.60
CA HIS B 110 -2.02 -47.94 2.48
C HIS B 110 -2.58 -47.19 3.67
N PRO B 111 -2.48 -47.79 4.87
CA PRO B 111 -3.16 -47.24 6.07
C PRO B 111 -2.57 -45.93 6.53
N LEU B 112 -1.31 -45.66 6.16
CA LEU B 112 -0.60 -44.45 6.53
C LEU B 112 -1.38 -43.23 6.06
N ALA B 113 -1.75 -43.22 4.78
CA ALA B 113 -2.42 -42.09 4.19
C ALA B 113 -3.72 -41.74 4.91
N GLY B 114 -3.88 -40.48 5.24
CA GLY B 114 -5.10 -40.00 5.90
C GLY B 114 -6.28 -39.99 4.95
N ASN B 115 -7.48 -40.20 5.48
CA ASN B 115 -8.70 -40.09 4.70
C ASN B 115 -9.03 -38.70 4.28
N LEU B 116 -9.14 -38.48 2.97
CA LEU B 116 -9.49 -37.17 2.42
C LEU B 116 -10.89 -37.20 1.86
N GLN B 117 -11.74 -36.31 2.39
CA GLN B 117 -13.06 -36.15 1.79
C GLN B 117 -12.87 -35.51 0.43
N SER B 118 -13.73 -35.87 -0.52
CA SER B 118 -13.63 -35.35 -1.87
C SER B 118 -15.01 -35.15 -2.48
N SER B 119 -15.01 -34.56 -3.67
CA SER B 119 -16.24 -34.29 -4.41
C SER B 119 -15.94 -34.10 -5.88
N ILE B 120 -16.75 -34.71 -6.74
CA ILE B 120 -16.59 -34.53 -8.16
C ILE B 120 -17.03 -33.10 -8.51
N VAL B 121 -16.36 -32.51 -9.50
CA VAL B 121 -16.58 -31.12 -9.87
C VAL B 121 -17.06 -31.01 -11.31
N LYS B 122 -17.96 -30.06 -11.55
CA LYS B 122 -18.53 -29.84 -12.87
C LYS B 122 -18.47 -28.38 -13.24
N PHE B 123 -17.77 -28.09 -14.34
CA PHE B 123 -17.61 -26.71 -14.82
C PHE B 123 -18.55 -26.37 -15.95
N LYS B 124 -19.12 -25.17 -15.92
CA LYS B 124 -19.96 -24.68 -17.02
C LYS B 124 -19.13 -24.53 -18.28
N LYS B 125 -18.19 -23.59 -18.26
CA LYS B 125 -17.31 -23.35 -19.40
C LYS B 125 -16.05 -24.21 -19.27
N PRO B 126 -15.34 -24.43 -20.40
CA PRO B 126 -14.14 -25.26 -20.39
C PRO B 126 -12.90 -24.48 -19.98
N LEU B 127 -12.03 -25.11 -19.19
CA LEU B 127 -10.80 -24.48 -18.76
C LEU B 127 -9.70 -24.71 -19.80
N PRO B 128 -8.67 -23.85 -19.83
CA PRO B 128 -7.63 -23.94 -20.87
C PRO B 128 -6.39 -24.68 -20.36
N LEU B 129 -6.13 -25.88 -20.88
CA LEU B 129 -5.07 -26.74 -20.36
C LEU B 129 -4.23 -27.40 -21.45
N THR B 130 -4.50 -27.05 -22.71
CA THR B 130 -3.77 -27.63 -23.84
C THR B 130 -3.65 -26.68 -25.04
N GLN B 131 -2.86 -27.06 -26.04
CA GLN B 131 -2.73 -26.28 -27.26
C GLN B 131 -4.07 -26.08 -27.98
N ALA C 13 -1.01 3.41 5.94
CA ALA C 13 -0.72 2.01 6.24
C ALA C 13 0.75 1.84 6.71
N LYS C 14 1.68 2.31 5.89
CA LYS C 14 3.05 1.81 5.88
C LYS C 14 3.98 2.36 6.96
N ALA C 15 3.64 3.51 7.52
CA ALA C 15 4.50 4.18 8.48
C ALA C 15 4.17 3.84 9.93
N ARG C 16 3.47 2.73 10.13
CA ARG C 16 3.09 2.28 11.46
C ARG C 16 4.29 1.88 12.31
N PRO C 17 5.14 0.95 11.83
CA PRO C 17 6.23 0.46 12.70
C PRO C 17 7.20 1.52 13.18
N GLN C 18 7.53 2.50 12.32
CA GLN C 18 8.32 3.63 12.72
C GLN C 18 7.60 4.40 13.80
N HIS C 19 6.36 4.77 13.48
CA HIS C 19 5.49 5.56 14.36
C HIS C 19 5.60 5.03 15.79
N ILE C 20 5.55 3.72 15.94
CA ILE C 20 5.58 3.08 17.25
C ILE C 20 6.98 3.20 17.86
N PHE C 21 8.00 3.04 17.02
CA PHE C 21 9.39 3.17 17.46
C PHE C 21 9.61 4.56 18.02
N TYR C 22 9.23 5.60 17.28
CA TYR C 22 9.35 6.96 17.78
C TYR C 22 8.45 7.14 18.98
N ARG C 23 7.20 6.72 18.84
CA ARG C 23 6.19 6.83 19.90
C ARG C 23 6.68 6.57 21.31
N ARG C 24 7.48 5.53 21.46
CA ARG C 24 8.02 5.13 22.74
C ARG C 24 9.47 5.56 23.00
N PHE C 25 10.12 5.96 21.90
CA PHE C 25 11.48 6.47 21.96
C PHE C 25 11.37 7.82 22.64
N LEU C 26 10.52 8.69 22.09
CA LEU C 26 10.35 10.03 22.63
C LEU C 26 9.77 9.97 24.03
N GLY C 27 8.99 8.94 24.30
CA GLY C 27 8.45 8.69 25.61
C GLY C 27 7.93 10.03 26.10
N LYS C 28 8.41 10.45 27.27
CA LYS C 28 7.93 11.67 27.91
C LYS C 28 7.60 12.89 27.03
N ASP C 29 8.45 13.15 26.03
CA ASP C 29 8.37 14.37 25.24
C ASP C 29 7.16 14.42 24.33
N GLY C 30 6.62 13.26 23.97
CA GLY C 30 5.47 13.19 23.08
C GLY C 30 4.27 13.98 23.61
N ARG C 31 4.13 14.04 24.94
CA ARG C 31 3.07 14.82 25.55
C ARG C 31 3.29 16.31 25.25
N ARG C 32 2.21 17.04 25.04
CA ARG C 32 2.30 18.49 24.99
C ARG C 32 1.97 19.08 26.35
N ASP C 33 2.96 19.73 26.96
CA ASP C 33 2.71 20.56 28.13
C ASP C 33 2.17 21.89 27.59
N PRO C 34 0.92 22.26 27.97
CA PRO C 34 0.38 23.53 27.47
C PRO C 34 1.22 24.74 27.91
N LYS C 35 0.92 25.92 27.38
CA LYS C 35 1.72 27.11 27.61
C LYS C 35 3.15 26.90 27.14
N CYS C 36 3.33 26.15 26.07
CA CYS C 36 4.65 25.93 25.47
C CYS C 36 4.60 26.27 23.98
N GLN C 37 5.57 27.03 23.53
CA GLN C 37 5.54 27.61 22.18
C GLN C 37 6.45 26.90 21.22
N TRP C 38 5.98 26.71 19.99
CA TRP C 38 6.72 25.98 18.98
C TRP C 38 7.84 26.81 18.37
N LYS C 39 8.96 26.88 19.05
CA LYS C 39 10.09 27.68 18.60
C LYS C 39 11.25 26.84 18.08
N PHE C 40 11.04 25.55 17.98
CA PHE C 40 12.09 24.64 17.50
C PHE C 40 11.54 23.57 16.57
N ALA C 41 12.38 23.06 15.69
CA ALA C 41 12.01 22.01 14.77
C ALA C 41 13.23 21.26 14.29
N VAL C 42 13.00 20.20 13.51
CA VAL C 42 14.08 19.45 12.87
C VAL C 42 13.77 19.26 11.41
N ILE C 43 14.69 19.70 10.56
CA ILE C 43 14.53 19.51 9.12
C ILE C 43 15.30 18.27 8.68
N PHE C 44 14.59 17.32 8.07
CA PHE C 44 15.21 16.17 7.44
C PHE C 44 15.16 16.36 5.94
N TRP C 45 16.25 16.04 5.24
CA TRP C 45 16.27 16.12 3.79
C TRP C 45 17.04 14.98 3.16
N GLY C 46 16.51 14.48 2.06
CA GLY C 46 17.11 13.38 1.32
C GLY C 46 16.62 13.35 -0.10
N ASN C 47 17.27 12.54 -0.93
CA ASN C 47 16.91 12.43 -2.34
C ASN C 47 15.58 11.73 -2.56
N ASP C 48 15.34 10.67 -1.80
CA ASP C 48 14.13 9.86 -1.96
C ASP C 48 12.95 10.52 -1.25
N PRO C 49 11.87 10.85 -1.99
CA PRO C 49 10.72 11.52 -1.35
C PRO C 49 9.86 10.55 -0.54
N TYR C 50 9.79 9.31 -0.99
CA TYR C 50 8.92 8.31 -0.38
C TYR C 50 9.28 8.05 1.06
N GLY C 51 10.59 8.02 1.34
CA GLY C 51 11.08 7.79 2.70
C GLY C 51 10.67 8.91 3.62
N LEU C 52 10.76 10.14 3.13
CA LEU C 52 10.42 11.31 3.92
C LEU C 52 8.93 11.34 4.26
N LYS C 53 8.11 10.91 3.32
CA LYS C 53 6.66 10.88 3.53
C LYS C 53 6.27 9.97 4.70
N LYS C 54 6.94 8.82 4.81
CA LYS C 54 6.72 7.93 5.92
C LYS C 54 7.19 8.60 7.23
N LEU C 55 8.32 9.28 7.16
CA LEU C 55 8.86 9.98 8.30
C LEU C 55 7.90 11.08 8.76
N SER C 56 7.31 11.77 7.78
CA SER C 56 6.35 12.82 8.05
C SER C 56 5.14 12.27 8.78
N GLN C 57 4.62 11.15 8.27
CA GLN C 57 3.44 10.53 8.84
C GLN C 57 3.75 9.91 10.19
N ALA C 58 5.01 9.53 10.41
CA ALA C 58 5.40 8.87 11.65
C ALA C 58 5.50 9.84 12.79
N PHE C 59 6.11 11.00 12.54
CA PHE C 59 6.25 12.02 13.55
C PHE C 59 4.96 12.81 13.69
N GLN C 60 3.96 12.20 14.33
CA GLN C 60 2.69 12.86 14.56
C GLN C 60 2.21 12.59 15.97
N PHE C 61 2.64 13.44 16.90
CA PHE C 61 2.25 13.36 18.30
C PHE C 61 1.79 14.72 18.78
N GLY C 62 1.21 14.78 19.96
CA GLY C 62 0.76 16.05 20.53
C GLY C 62 1.92 17.01 20.74
N GLY C 63 3.11 16.47 20.99
CA GLY C 63 4.27 17.27 21.27
C GLY C 63 5.23 17.43 20.11
N VAL C 64 5.10 16.56 19.13
CA VAL C 64 5.97 16.61 17.94
C VAL C 64 5.12 16.42 16.68
N LYS C 65 5.01 17.48 15.89
CA LYS C 65 4.23 17.45 14.67
C LYS C 65 5.07 17.77 13.44
N ALA C 66 4.99 16.90 12.45
CA ALA C 66 5.69 17.10 11.20
C ALA C 66 4.76 17.74 10.17
N GLY C 67 5.31 18.70 9.42
CA GLY C 67 4.60 19.22 8.25
C GLY C 67 4.67 18.22 7.12
N PRO C 68 4.08 18.51 5.97
CA PRO C 68 4.22 17.65 4.81
C PRO C 68 5.59 17.78 4.14
N VAL C 69 5.85 16.88 3.19
CA VAL C 69 7.07 16.91 2.41
C VAL C 69 7.09 18.12 1.50
N SER C 70 8.27 18.73 1.38
CA SER C 70 8.48 19.79 0.39
C SER C 70 9.94 19.80 -0.04
N CYS C 71 10.33 20.82 -0.81
CA CYS C 71 11.65 20.84 -1.42
C CYS C 71 12.55 21.96 -0.88
N LEU C 72 13.82 21.89 -1.24
CA LEU C 72 14.77 22.99 -1.09
C LEU C 72 15.13 23.40 -2.51
N PRO C 73 15.50 24.67 -2.72
CA PRO C 73 15.77 25.11 -4.09
C PRO C 73 17.02 24.45 -4.68
N HIS C 74 17.28 24.70 -5.95
CA HIS C 74 18.32 23.96 -6.70
C HIS C 74 19.69 24.64 -6.67
N ASP C 78 19.96 24.40 -10.42
CA ASP C 78 19.04 23.96 -11.49
C ASP C 78 19.59 22.75 -12.22
N GLN C 79 19.45 21.59 -11.61
CA GLN C 79 19.93 20.33 -12.20
C GLN C 79 19.01 19.18 -11.83
N SER C 80 19.34 17.99 -12.33
CA SER C 80 18.52 16.80 -12.13
C SER C 80 18.44 16.32 -10.68
N PRO C 81 19.52 16.48 -9.89
CA PRO C 81 19.40 16.00 -8.51
C PRO C 81 18.47 16.89 -7.69
N ILE C 82 17.46 16.29 -7.07
CA ILE C 82 16.50 17.03 -6.24
C ILE C 82 16.62 16.61 -4.79
N THR C 83 16.30 17.52 -3.89
CA THR C 83 16.32 17.21 -2.45
C THR C 83 15.03 17.63 -1.77
N TYR C 84 14.23 16.63 -1.41
CA TYR C 84 13.00 16.87 -0.68
C TYR C 84 13.33 17.00 0.79
N CYS C 85 12.41 17.57 1.56
CA CYS C 85 12.58 17.70 2.98
C CYS C 85 11.27 17.74 3.72
N VAL C 86 11.34 17.47 5.02
CA VAL C 86 10.19 17.64 5.90
C VAL C 86 10.64 18.27 7.21
N TYR C 87 9.87 19.26 7.65
CA TYR C 87 10.11 19.89 8.94
C TYR C 87 9.31 19.14 10.00
N VAL C 88 9.95 18.90 11.12
CA VAL C 88 9.33 18.25 12.25
C VAL C 88 9.35 19.20 13.43
N TYR C 89 8.24 19.88 13.65
CA TYR C 89 8.17 20.94 14.66
C TYR C 89 8.06 20.37 16.07
N CYS C 90 8.56 21.10 17.05
CA CYS C 90 8.66 20.63 18.44
C CYS C 90 8.28 21.64 19.48
N GLN C 91 8.28 21.22 20.73
CA GLN C 91 8.02 22.08 21.88
C GLN C 91 9.21 22.94 22.23
N ASN C 92 10.31 22.26 22.55
CA ASN C 92 11.51 22.91 23.06
C ASN C 92 12.77 22.36 22.38
N LYS C 93 13.90 23.02 22.63
CA LYS C 93 15.18 22.54 22.10
C LYS C 93 15.49 21.16 22.66
N ASP C 94 14.95 20.89 23.84
CA ASP C 94 15.09 19.58 24.47
C ASP C 94 14.52 18.47 23.58
N THR C 95 13.30 18.67 23.11
CA THR C 95 12.62 17.71 22.25
C THR C 95 13.24 17.66 20.87
N SER C 96 13.66 18.81 20.37
CA SER C 96 14.17 18.93 19.01
C SER C 96 15.37 18.02 18.75
N LYS C 97 16.29 18.00 19.71
CA LYS C 97 17.46 17.14 19.60
C LYS C 97 17.03 15.69 19.70
N LYS C 98 16.08 15.40 20.58
CA LYS C 98 15.58 14.04 20.79
C LYS C 98 14.97 13.45 19.52
N VAL C 99 14.31 14.29 18.75
CA VAL C 99 13.75 13.86 17.46
C VAL C 99 14.90 13.51 16.53
N GLN C 100 15.94 14.33 16.57
CA GLN C 100 17.11 14.09 15.75
C GLN C 100 17.76 12.77 16.11
N MET C 101 17.78 12.42 17.40
CA MET C 101 18.33 11.14 17.85
C MET C 101 17.39 10.01 17.44
N ALA C 102 16.10 10.22 17.65
CA ALA C 102 15.09 9.21 17.40
C ALA C 102 15.20 8.61 16.01
N ARG C 103 15.29 9.47 15.01
CA ARG C 103 15.44 9.04 13.64
C ARG C 103 16.79 8.35 13.41
N LEU C 104 17.82 8.91 14.03
CA LEU C 104 19.18 8.39 13.88
C LEU C 104 19.28 6.99 14.45
N ALA C 105 18.49 6.72 15.50
CA ALA C 105 18.44 5.39 16.08
C ALA C 105 17.78 4.42 15.12
N TRP C 106 16.63 4.82 14.58
CA TRP C 106 15.90 4.01 13.61
C TRP C 106 16.76 3.66 12.42
N GLU C 107 17.58 4.59 11.96
CA GLU C 107 18.41 4.38 10.79
C GLU C 107 19.46 3.31 11.04
N ALA C 108 20.08 3.34 12.22
CA ALA C 108 21.05 2.33 12.62
C ALA C 108 20.32 1.05 13.00
N SER C 109 19.19 1.23 13.66
CA SER C 109 18.37 0.10 14.15
C SER C 109 17.88 -0.81 13.04
N HIS C 110 17.32 -0.20 11.99
CA HIS C 110 16.71 -0.95 10.88
C HIS C 110 17.42 -0.70 9.57
N PRO C 111 18.07 -1.74 9.01
CA PRO C 111 18.94 -1.49 7.83
C PRO C 111 18.17 -1.05 6.63
N LEU C 112 16.89 -1.30 6.64
CA LEU C 112 15.92 -1.00 5.54
C LEU C 112 15.92 0.50 5.26
N ALA C 113 15.78 1.32 6.30
CA ALA C 113 15.67 2.77 6.15
C ALA C 113 16.93 3.40 5.61
N GLY C 114 16.75 4.36 4.69
CA GLY C 114 17.85 5.10 4.11
C GLY C 114 18.31 6.23 4.98
N ASN C 115 19.57 6.64 4.79
CA ASN C 115 20.17 7.71 5.62
C ASN C 115 19.61 9.06 5.23
N LEU C 116 19.20 9.86 6.20
CA LEU C 116 18.69 11.22 5.97
C LEU C 116 19.45 12.24 6.75
N GLN C 117 20.10 13.17 6.04
CA GLN C 117 20.76 14.29 6.70
C GLN C 117 19.68 15.14 7.35
N SER C 118 20.02 15.79 8.46
CA SER C 118 19.08 16.62 9.18
C SER C 118 19.73 17.86 9.78
N SER C 119 18.94 18.67 10.47
CA SER C 119 19.44 19.86 11.16
C SER C 119 18.44 20.41 12.14
N ILE C 120 18.93 20.75 13.33
CA ILE C 120 18.05 21.37 14.34
C ILE C 120 17.70 22.77 13.85
N VAL C 121 16.47 23.20 14.15
CA VAL C 121 15.98 24.49 13.67
C VAL C 121 15.58 25.36 14.86
N LYS C 122 15.83 26.67 14.73
CA LYS C 122 15.53 27.64 15.77
C LYS C 122 14.73 28.80 15.19
N PHE C 123 13.51 28.98 15.70
CA PHE C 123 12.64 30.07 15.28
C PHE C 123 12.68 31.21 16.28
N LYS C 124 12.75 32.46 15.77
CA LYS C 124 12.83 33.61 16.66
C LYS C 124 11.48 33.92 17.27
N LYS C 125 10.43 33.63 16.50
CA LYS C 125 9.06 33.90 16.93
C LYS C 125 8.24 32.63 16.83
N PRO C 126 7.41 32.37 17.84
CA PRO C 126 6.60 31.15 17.91
C PRO C 126 5.55 30.97 16.82
N LEU C 127 5.44 29.75 16.32
CA LEU C 127 4.47 29.39 15.29
C LEU C 127 3.07 29.17 15.85
N PRO C 128 2.03 29.41 14.96
CA PRO C 128 0.68 29.20 15.52
C PRO C 128 0.32 27.78 15.95
N LEU C 129 0.68 26.78 15.16
CA LEU C 129 0.32 25.41 15.49
C LEU C 129 0.29 25.16 16.99
N PRO D 12 8.84 34.28 -13.57
CA PRO D 12 7.79 34.83 -12.67
C PRO D 12 6.70 35.49 -13.49
N ALA D 13 5.63 34.75 -13.78
CA ALA D 13 4.60 35.21 -14.72
C ALA D 13 3.93 36.53 -14.28
N LYS D 14 3.49 36.57 -13.03
CA LYS D 14 2.80 37.74 -12.49
C LYS D 14 3.52 38.36 -11.30
N ALA D 15 4.44 37.60 -10.71
CA ALA D 15 5.14 38.03 -9.49
C ALA D 15 6.33 38.91 -9.82
N ARG D 16 6.37 39.45 -11.03
CA ARG D 16 7.47 40.30 -11.48
C ARG D 16 7.56 41.63 -10.72
N PRO D 17 6.43 42.31 -10.46
CA PRO D 17 6.57 43.58 -9.75
C PRO D 17 7.11 43.41 -8.33
N GLN D 18 6.74 42.29 -7.69
CA GLN D 18 7.21 41.99 -6.35
C GLN D 18 8.67 41.53 -6.39
N HIS D 19 9.06 40.88 -7.48
CA HIS D 19 10.43 40.41 -7.66
C HIS D 19 11.39 41.57 -7.80
N ILE D 20 11.02 42.55 -8.61
CA ILE D 20 11.88 43.72 -8.89
C ILE D 20 11.98 44.62 -7.66
N PHE D 21 10.92 44.64 -6.88
CA PHE D 21 10.92 45.40 -5.63
C PHE D 21 12.00 44.88 -4.68
N TYR D 22 12.03 43.56 -4.51
CA TYR D 22 13.04 42.91 -3.67
C TYR D 22 14.42 43.01 -4.30
N ARG D 23 14.46 42.93 -5.64
CA ARG D 23 15.72 43.00 -6.39
C ARG D 23 16.49 44.26 -6.05
N ARG D 24 15.78 45.38 -6.00
CA ARG D 24 16.36 46.68 -5.79
C ARG D 24 16.42 47.01 -4.31
N PHE D 25 15.57 46.38 -3.52
CA PHE D 25 15.55 46.57 -2.07
C PHE D 25 16.72 45.87 -1.42
N LEU D 26 16.89 44.60 -1.70
CA LEU D 26 17.94 43.78 -1.08
C LEU D 26 19.33 44.21 -1.51
N GLY D 27 19.42 44.76 -2.72
CA GLY D 27 20.68 45.32 -3.21
C GLY D 27 21.75 44.27 -3.41
N LYS D 28 22.88 44.43 -2.71
CA LYS D 28 23.99 43.51 -2.90
C LYS D 28 23.78 42.19 -2.12
N ASP D 29 22.82 42.21 -1.20
CA ASP D 29 22.49 41.00 -0.44
C ASP D 29 21.87 39.93 -1.31
N GLY D 30 21.50 40.29 -2.54
CA GLY D 30 20.90 39.34 -3.45
C GLY D 30 21.91 38.43 -4.13
N ARG D 31 23.19 38.80 -4.04
CA ARG D 31 24.26 37.99 -4.61
C ARG D 31 24.74 36.96 -3.59
N ARG D 32 25.37 35.89 -4.04
CA ARG D 32 25.89 34.89 -3.14
C ARG D 32 27.35 35.11 -2.78
N ASP D 33 27.71 34.82 -1.54
CA ASP D 33 29.09 34.85 -1.09
C ASP D 33 29.42 33.56 -0.36
N PRO D 34 30.53 32.91 -0.73
CA PRO D 34 30.93 31.70 -0.02
C PRO D 34 31.43 31.99 1.39
N GLN D 37 27.90 30.14 4.11
CA GLN D 37 27.05 28.98 4.41
C GLN D 37 25.60 29.37 4.65
N TRP D 38 24.67 28.62 4.11
CA TRP D 38 23.25 28.82 4.29
C TRP D 38 22.79 28.26 5.62
N LYS D 39 22.76 29.11 6.64
CA LYS D 39 22.41 28.66 8.00
C LYS D 39 21.24 29.46 8.58
N PHE D 40 20.65 30.33 7.78
CA PHE D 40 19.53 31.15 8.21
C PHE D 40 18.40 31.15 7.18
N ALA D 41 17.20 31.52 7.61
CA ALA D 41 16.06 31.65 6.74
C ALA D 41 14.96 32.46 7.39
N VAL D 42 13.90 32.72 6.63
CA VAL D 42 12.71 33.40 7.15
C VAL D 42 11.47 32.61 6.76
N ILE D 43 10.69 32.21 7.75
CA ILE D 43 9.42 31.53 7.49
C ILE D 43 8.30 32.56 7.48
N PHE D 44 7.56 32.60 6.39
CA PHE D 44 6.34 33.39 6.29
C PHE D 44 5.16 32.44 6.34
N TRP D 45 4.12 32.81 7.05
CA TRP D 45 2.91 31.98 7.06
C TRP D 45 1.64 32.81 7.05
N GLY D 46 0.66 32.33 6.29
CA GLY D 46 -0.61 32.99 6.11
C GLY D 46 -1.63 31.94 5.74
N ASN D 47 -2.84 32.39 5.49
CA ASN D 47 -3.95 31.50 5.13
C ASN D 47 -4.29 31.50 3.65
N ASP D 48 -3.94 32.59 2.99
CA ASP D 48 -4.10 32.73 1.54
C ASP D 48 -2.85 32.16 0.87
N PRO D 49 -2.96 30.98 0.25
CA PRO D 49 -1.76 30.27 -0.22
C PRO D 49 -1.11 30.94 -1.43
N TYR D 50 -1.91 31.62 -2.23
CA TYR D 50 -1.44 32.22 -3.47
C TYR D 50 -0.56 33.42 -3.24
N GLY D 51 -0.83 34.15 -2.16
CA GLY D 51 0.02 35.26 -1.77
C GLY D 51 1.43 34.80 -1.49
N LEU D 52 1.53 33.66 -0.83
CA LEU D 52 2.82 33.05 -0.52
C LEU D 52 3.48 32.52 -1.78
N LYS D 53 2.67 31.98 -2.69
CA LYS D 53 3.15 31.44 -3.94
C LYS D 53 3.85 32.51 -4.76
N LYS D 54 3.28 33.72 -4.73
CA LYS D 54 3.89 34.86 -5.40
C LYS D 54 5.11 35.32 -4.64
N LEU D 55 5.05 35.22 -3.31
CA LEU D 55 6.18 35.57 -2.47
C LEU D 55 7.33 34.60 -2.72
N SER D 56 7.00 33.34 -2.88
CA SER D 56 7.99 32.31 -3.15
C SER D 56 8.68 32.56 -4.49
N GLN D 57 7.88 32.90 -5.51
CA GLN D 57 8.40 33.18 -6.84
C GLN D 57 9.22 34.45 -6.89
N ALA D 58 8.90 35.38 -6.00
CA ALA D 58 9.56 36.69 -5.98
C ALA D 58 10.96 36.62 -5.36
N PHE D 59 11.07 35.90 -4.25
CA PHE D 59 12.36 35.75 -3.58
C PHE D 59 13.18 34.67 -4.25
N GLN D 60 13.73 34.99 -5.42
CA GLN D 60 14.58 34.08 -6.15
C GLN D 60 15.82 34.78 -6.67
N PHE D 61 16.83 34.84 -5.80
CA PHE D 61 18.11 35.46 -6.14
C PHE D 61 19.25 34.52 -5.77
N GLY D 62 20.45 34.87 -6.17
CA GLY D 62 21.62 34.08 -5.85
C GLY D 62 21.84 34.00 -4.35
N GLY D 63 21.47 35.07 -3.65
CA GLY D 63 21.66 35.16 -2.22
C GLY D 63 20.44 34.74 -1.42
N VAL D 64 19.27 34.95 -1.98
CA VAL D 64 18.02 34.64 -1.29
C VAL D 64 17.17 33.69 -2.13
N LYS D 65 16.98 32.47 -1.63
CA LYS D 65 16.15 31.47 -2.32
C LYS D 65 14.98 31.03 -1.46
N ALA D 66 13.79 31.13 -2.02
CA ALA D 66 12.59 30.65 -1.35
C ALA D 66 12.26 29.22 -1.79
N GLY D 67 11.95 28.37 -0.82
CA GLY D 67 11.44 27.04 -1.11
C GLY D 67 10.02 27.16 -1.57
N PRO D 68 9.38 26.02 -1.89
CA PRO D 68 7.97 26.09 -2.35
C PRO D 68 7.02 26.27 -1.18
N VAL D 69 5.74 26.53 -1.48
CA VAL D 69 4.75 26.62 -0.43
C VAL D 69 4.50 25.26 0.19
N SER D 70 4.26 25.23 1.50
CA SER D 70 3.84 24.03 2.21
C SER D 70 3.10 24.42 3.47
N CYS D 71 2.73 23.45 4.30
CA CYS D 71 1.79 23.71 5.39
C CYS D 71 2.42 23.61 6.76
N LEU D 72 1.69 24.09 7.76
CA LEU D 72 2.00 23.80 9.15
C LEU D 72 0.94 22.85 9.67
N PRO D 73 1.31 22.01 10.64
CA PRO D 73 0.38 20.97 11.11
C PRO D 73 -0.71 21.58 12.01
N HIS D 74 -1.75 20.80 12.29
CA HIS D 74 -2.85 21.23 13.14
C HIS D 74 -3.61 20.05 13.71
N PRO D 75 -3.86 20.04 15.07
CA PRO D 75 -4.57 18.83 15.53
C PRO D 75 -6.11 18.93 15.51
N GLY D 76 -6.71 18.89 14.33
CA GLY D 76 -8.17 18.95 14.24
C GLY D 76 -8.79 20.16 14.96
N PRO D 77 -8.18 21.40 14.81
CA PRO D 77 -8.87 22.48 15.47
C PRO D 77 -9.80 23.27 14.51
N PRO D 81 -9.18 26.19 10.26
CA PRO D 81 -8.14 27.23 9.94
C PRO D 81 -6.90 26.52 9.45
N ILE D 82 -6.59 26.63 8.16
CA ILE D 82 -5.38 25.92 7.66
C ILE D 82 -4.33 26.94 7.29
N THR D 83 -3.12 26.79 7.79
CA THR D 83 -2.10 27.79 7.56
C THR D 83 -1.03 27.32 6.61
N TYR D 84 -0.72 28.13 5.61
CA TYR D 84 0.28 27.83 4.61
C TYR D 84 1.55 28.58 4.95
N CYS D 85 2.67 28.10 4.45
CA CYS D 85 3.96 28.78 4.72
C CYS D 85 4.99 28.56 3.64
N VAL D 86 5.97 29.44 3.60
CA VAL D 86 7.09 29.35 2.68
C VAL D 86 8.37 29.72 3.43
N TYR D 87 9.42 28.94 3.21
CA TYR D 87 10.72 29.24 3.78
C TYR D 87 11.54 30.01 2.77
N VAL D 88 12.16 31.10 3.23
CA VAL D 88 13.02 31.92 2.41
C VAL D 88 14.44 31.85 2.95
N TYR D 89 15.25 31.01 2.34
CA TYR D 89 16.59 30.72 2.84
C TYR D 89 17.58 31.81 2.50
N CYS D 90 18.57 32.00 3.38
CA CYS D 90 19.54 33.11 3.23
C CYS D 90 20.87 32.49 3.59
N GLN D 91 21.93 33.27 3.45
CA GLN D 91 23.29 32.84 3.85
C GLN D 91 23.79 33.42 5.19
N ASN D 92 23.20 34.55 5.54
CA ASN D 92 23.52 35.20 6.83
C ASN D 92 22.33 35.81 7.54
N LYS D 93 22.46 35.95 8.84
CA LYS D 93 21.43 36.59 9.67
C LYS D 93 21.22 38.03 9.20
N ASP D 94 22.25 38.60 8.62
CA ASP D 94 22.20 39.95 8.03
C ASP D 94 21.14 40.01 6.95
N THR D 95 21.17 39.05 6.02
CA THR D 95 20.21 38.98 4.92
C THR D 95 18.86 38.57 5.41
N SER D 96 18.82 37.69 6.40
CA SER D 96 17.55 37.13 6.89
C SER D 96 16.63 38.21 7.43
N LYS D 97 17.19 39.15 8.19
CA LYS D 97 16.42 40.26 8.72
C LYS D 97 15.98 41.18 7.58
N LYS D 98 16.88 41.40 6.62
CA LYS D 98 16.58 42.25 5.47
C LYS D 98 15.38 41.72 4.67
N VAL D 99 15.30 40.40 4.53
CA VAL D 99 14.18 39.79 3.83
C VAL D 99 12.90 40.05 4.62
N GLN D 100 13.00 39.96 5.96
CA GLN D 100 11.85 40.20 6.82
C GLN D 100 11.34 41.61 6.64
N MET D 101 12.26 42.58 6.51
CA MET D 101 11.88 43.97 6.30
C MET D 101 11.36 44.16 4.88
N ALA D 102 12.02 43.53 3.92
CA ALA D 102 11.69 43.67 2.50
C ALA D 102 10.21 43.39 2.25
N ARG D 103 9.72 42.27 2.77
CA ARG D 103 8.32 41.90 2.64
C ARG D 103 7.48 42.90 3.42
N LEU D 104 7.97 43.34 4.57
CA LEU D 104 7.24 44.28 5.41
C LEU D 104 7.04 45.59 4.66
N ALA D 105 8.01 45.97 3.85
CA ALA D 105 7.91 47.17 3.03
C ALA D 105 6.84 47.03 1.93
N TRP D 106 6.88 45.91 1.23
CA TRP D 106 5.92 45.64 0.19
C TRP D 106 4.49 45.63 0.73
N GLU D 107 4.33 45.10 1.94
CA GLU D 107 3.01 45.03 2.57
C GLU D 107 2.46 46.41 2.89
N ALA D 108 3.33 47.30 3.34
CA ALA D 108 2.94 48.69 3.57
C ALA D 108 2.74 49.40 2.26
N SER D 109 3.70 49.21 1.36
CA SER D 109 3.69 49.84 0.03
C SER D 109 2.42 49.55 -0.75
N HIS D 110 2.11 48.27 -0.89
CA HIS D 110 0.93 47.83 -1.64
C HIS D 110 -0.12 47.32 -0.66
N PRO D 111 -1.22 48.08 -0.47
CA PRO D 111 -2.21 47.72 0.53
C PRO D 111 -2.99 46.45 0.18
N LEU D 112 -2.98 46.09 -1.09
CA LEU D 112 -3.64 44.89 -1.60
C LEU D 112 -3.11 43.65 -0.85
N ALA D 113 -1.77 43.53 -0.81
CA ALA D 113 -1.12 42.38 -0.22
C ALA D 113 -1.51 42.15 1.23
N GLY D 114 -1.88 40.93 1.56
CA GLY D 114 -2.28 40.56 2.93
C GLY D 114 -1.06 40.60 3.84
N ASN D 115 -1.29 40.83 5.12
CA ASN D 115 -0.18 40.93 6.09
C ASN D 115 0.28 39.58 6.60
N LEU D 116 1.35 39.07 6.00
CA LEU D 116 1.94 37.79 6.41
C LEU D 116 2.71 37.92 7.69
N GLN D 117 2.43 37.03 8.64
CA GLN D 117 3.28 36.91 9.83
C GLN D 117 4.53 36.15 9.41
N SER D 118 5.64 36.39 10.08
CA SER D 118 6.88 35.72 9.76
C SER D 118 7.76 35.49 10.98
N SER D 119 8.91 34.86 10.76
CA SER D 119 9.87 34.60 11.83
C SER D 119 11.22 34.22 11.25
N ILE D 120 12.27 34.82 11.82
CA ILE D 120 13.63 34.48 11.37
C ILE D 120 13.99 33.08 11.87
N VAL D 121 14.77 32.37 11.07
CA VAL D 121 15.09 30.98 11.34
C VAL D 121 16.60 30.79 11.47
N LYS D 122 17.00 29.91 12.36
CA LYS D 122 18.40 29.62 12.63
C LYS D 122 18.66 28.13 12.61
N PHE D 123 19.57 27.70 11.73
CA PHE D 123 19.91 26.28 11.57
C PHE D 123 21.21 25.92 12.26
N LYS D 124 21.29 24.71 12.84
CA LYS D 124 22.52 24.22 13.41
C LYS D 124 23.57 23.90 12.35
N LYS D 125 23.29 22.90 11.56
CA LYS D 125 24.18 22.50 10.47
C LYS D 125 23.78 23.26 9.18
N PRO D 126 24.77 23.60 8.35
CA PRO D 126 24.45 24.34 7.10
C PRO D 126 23.69 23.49 6.10
N LEU D 127 22.94 24.16 5.23
CA LEU D 127 22.13 23.47 4.21
C LEU D 127 22.85 23.43 2.89
N PRO D 128 22.46 22.47 2.02
CA PRO D 128 23.11 22.37 0.72
C PRO D 128 22.45 23.22 -0.35
N LEU D 129 22.68 24.54 -0.30
CA LEU D 129 22.20 25.50 -1.29
C LEU D 129 23.40 26.28 -1.80
N ALA E 13 -1.79 -3.91 6.89
CA ALA E 13 -2.35 -3.83 5.53
C ALA E 13 -2.04 -5.17 4.79
N LYS E 14 -0.87 -5.18 4.14
CA LYS E 14 -0.52 -6.21 3.17
C LYS E 14 -0.22 -7.55 3.84
N ALA E 15 0.26 -7.50 5.08
CA ALA E 15 0.56 -8.72 5.83
C ALA E 15 -0.65 -9.30 6.55
N ARG E 16 -1.82 -8.69 6.40
CA ARG E 16 -3.04 -9.13 7.11
C ARG E 16 -3.54 -10.56 6.88
N PRO E 17 -3.66 -11.03 5.58
CA PRO E 17 -4.20 -12.41 5.50
C PRO E 17 -3.23 -13.41 6.12
N GLN E 18 -1.94 -13.22 5.89
CA GLN E 18 -0.91 -14.07 6.46
C GLN E 18 -1.00 -14.12 7.96
N HIS E 19 -1.41 -13.00 8.55
CA HIS E 19 -1.56 -12.88 10.00
C HIS E 19 -2.68 -13.79 10.51
N ILE E 20 -3.82 -13.77 9.82
CA ILE E 20 -4.97 -14.55 10.22
C ILE E 20 -4.69 -16.05 10.03
N PHE E 21 -3.89 -16.38 9.02
CA PHE E 21 -3.51 -17.76 8.77
C PHE E 21 -2.79 -18.33 9.97
N TYR E 22 -1.80 -17.59 10.47
CA TYR E 22 -1.05 -17.99 11.64
C TYR E 22 -1.93 -17.93 12.88
N ARG E 23 -2.87 -16.99 12.91
CA ARG E 23 -3.74 -16.77 14.05
C ARG E 23 -4.49 -18.05 14.43
N ARG E 24 -5.08 -18.73 13.45
CA ARG E 24 -5.83 -19.95 13.71
C ARG E 24 -4.96 -21.19 13.59
N PHE E 25 -3.83 -21.06 12.92
CA PHE E 25 -2.88 -22.17 12.81
C PHE E 25 -2.25 -22.46 14.16
N LEU E 26 -1.72 -21.42 14.80
CA LEU E 26 -1.04 -21.57 16.07
C LEU E 26 -2.01 -21.88 17.19
N GLY E 27 -3.23 -21.40 17.09
CA GLY E 27 -4.22 -21.69 18.12
C GLY E 27 -3.81 -21.25 19.50
N LYS E 28 -3.75 -22.22 20.41
CA LYS E 28 -3.41 -22.00 21.81
C LYS E 28 -2.03 -21.38 22.01
N ASP E 29 -1.08 -21.76 21.16
CA ASP E 29 0.27 -21.26 21.29
C ASP E 29 0.38 -19.76 21.26
N GLY E 30 -0.46 -19.12 20.45
CA GLY E 30 -0.41 -17.66 20.35
C GLY E 30 -0.60 -16.95 21.67
N ARG E 31 -1.54 -17.42 22.48
CA ARG E 31 -1.77 -16.77 23.77
C ARG E 31 -0.51 -16.99 24.60
N ARG E 32 -0.19 -16.04 25.47
CA ARG E 32 1.04 -16.11 26.26
C ARG E 32 0.86 -16.58 27.70
N ASP E 33 1.68 -17.56 28.10
CA ASP E 33 1.72 -18.05 29.46
C ASP E 33 2.74 -17.20 30.21
N PRO E 34 2.27 -16.37 31.17
CA PRO E 34 3.19 -15.41 31.80
C PRO E 34 4.43 -16.04 32.42
N LYS E 35 4.38 -17.35 32.71
CA LYS E 35 5.48 -18.00 33.41
C LYS E 35 6.66 -18.30 32.49
N CYS E 36 6.37 -18.80 31.29
CA CYS E 36 7.42 -19.18 30.34
C CYS E 36 8.35 -18.02 29.97
N GLN E 37 9.65 -18.29 30.01
CA GLN E 37 10.66 -17.33 29.63
C GLN E 37 11.00 -17.47 28.16
N TRP E 38 11.18 -16.33 27.49
CA TRP E 38 11.47 -16.31 26.07
C TRP E 38 12.88 -16.80 25.80
N LYS E 39 13.01 -18.08 25.45
CA LYS E 39 14.32 -18.70 25.31
C LYS E 39 14.58 -19.31 23.94
N PHE E 40 13.54 -19.41 23.12
CA PHE E 40 13.68 -19.96 21.76
C PHE E 40 13.10 -19.02 20.71
N ALA E 41 13.51 -19.23 19.47
CA ALA E 41 13.03 -18.43 18.35
C ALA E 41 13.19 -19.17 17.04
N VAL E 42 12.70 -18.56 15.95
CA VAL E 42 12.89 -19.11 14.61
C VAL E 42 13.43 -18.03 13.69
N ILE E 43 14.59 -18.28 13.10
CA ILE E 43 15.17 -17.34 12.15
C ILE E 43 14.78 -17.73 10.73
N PHE E 44 14.15 -16.79 10.03
CA PHE E 44 13.87 -16.93 8.61
C PHE E 44 14.83 -16.04 7.85
N TRP E 45 15.38 -16.53 6.74
CA TRP E 45 16.23 -15.71 5.89
C TRP E 45 16.02 -15.99 4.41
N GLY E 46 16.05 -14.90 3.64
CA GLY E 46 15.85 -14.96 2.19
C GLY E 46 16.55 -13.78 1.55
N ASN E 47 16.39 -13.66 0.23
CA ASN E 47 17.02 -12.54 -0.50
C ASN E 47 16.06 -11.39 -0.73
N ASP E 48 14.75 -11.67 -0.74
CA ASP E 48 13.74 -10.64 -0.90
C ASP E 48 13.29 -10.13 0.48
N PRO E 49 13.64 -8.86 0.83
CA PRO E 49 13.33 -8.38 2.17
C PRO E 49 11.87 -8.08 2.45
N TYR E 50 11.15 -7.54 1.48
CA TYR E 50 9.76 -7.15 1.68
C TYR E 50 8.89 -8.32 2.03
N GLY E 51 9.29 -9.51 1.58
CA GLY E 51 8.63 -10.74 1.97
C GLY E 51 8.78 -10.99 3.45
N LEU E 52 10.00 -10.77 3.95
CA LEU E 52 10.28 -10.94 5.38
C LEU E 52 9.56 -9.90 6.20
N LYS E 53 9.47 -8.69 5.63
CA LYS E 53 8.81 -7.58 6.30
C LYS E 53 7.36 -7.93 6.62
N LYS E 54 6.70 -8.62 5.68
CA LYS E 54 5.33 -9.04 5.85
C LYS E 54 5.25 -10.22 6.81
N LEU E 55 6.30 -11.04 6.81
CA LEU E 55 6.38 -12.13 7.78
C LEU E 55 6.54 -11.59 9.17
N SER E 56 7.37 -10.56 9.29
CA SER E 56 7.64 -9.93 10.57
C SER E 56 6.36 -9.33 11.14
N GLN E 57 5.61 -8.64 10.28
CA GLN E 57 4.38 -8.01 10.70
C GLN E 57 3.30 -9.04 11.03
N ALA E 58 3.37 -10.19 10.38
CA ALA E 58 2.36 -11.21 10.53
C ALA E 58 2.49 -11.96 11.85
N PHE E 59 3.73 -12.30 12.22
CA PHE E 59 3.98 -13.01 13.48
C PHE E 59 4.03 -12.03 14.63
N GLN E 60 2.86 -11.54 15.03
CA GLN E 60 2.74 -10.62 16.16
C GLN E 60 1.58 -11.02 17.05
N PHE E 61 1.87 -11.92 17.99
CA PHE E 61 0.89 -12.39 18.97
C PHE E 61 1.47 -12.27 20.36
N GLY E 62 0.65 -12.52 21.38
CA GLY E 62 1.11 -12.47 22.75
C GLY E 62 2.20 -13.50 23.02
N GLY E 63 2.11 -14.63 22.35
CA GLY E 63 3.01 -15.75 22.56
C GLY E 63 4.13 -15.83 21.55
N VAL E 64 3.95 -15.18 20.41
CA VAL E 64 4.94 -15.18 19.34
C VAL E 64 5.14 -13.77 18.82
N LYS E 65 6.34 -13.26 19.04
CA LYS E 65 6.70 -11.90 18.60
C LYS E 65 7.91 -11.90 17.71
N ALA E 66 7.77 -11.35 16.51
CA ALA E 66 8.85 -11.24 15.55
C ALA E 66 9.54 -9.92 15.69
N GLY E 67 10.86 -9.94 15.66
CA GLY E 67 11.67 -8.71 15.64
C GLY E 67 11.61 -8.14 14.26
N PRO E 68 12.28 -7.00 14.01
CA PRO E 68 12.27 -6.41 12.68
C PRO E 68 13.23 -7.14 11.73
N VAL E 69 13.15 -6.82 10.44
CA VAL E 69 14.06 -7.38 9.46
C VAL E 69 15.47 -6.86 9.69
N SER E 70 16.46 -7.73 9.53
CA SER E 70 17.86 -7.33 9.54
C SER E 70 18.66 -8.28 8.68
N CYS E 71 19.98 -8.15 8.70
CA CYS E 71 20.84 -8.89 7.77
C CYS E 71 21.69 -9.93 8.46
N LEU E 72 22.32 -10.76 7.64
CA LEU E 72 23.44 -11.59 8.07
C LEU E 72 24.68 -11.09 7.38
N PRO E 73 25.85 -11.24 8.05
CA PRO E 73 27.09 -10.78 7.44
C PRO E 73 27.48 -11.66 6.25
N HIS E 74 28.06 -11.03 5.23
CA HIS E 74 28.57 -11.74 4.07
C HIS E 74 29.86 -11.05 3.64
N PRO E 75 30.86 -11.86 3.21
CA PRO E 75 32.08 -11.22 2.73
C PRO E 75 31.88 -10.65 1.32
N GLY E 76 32.03 -9.33 1.18
CA GLY E 76 31.90 -8.66 -0.11
C GLY E 76 32.73 -9.24 -1.24
N PRO E 77 34.02 -9.55 -0.99
CA PRO E 77 34.85 -10.06 -2.09
C PRO E 77 34.43 -11.40 -2.68
N PRO E 81 25.28 -10.68 -2.90
CA PRO E 81 23.82 -10.60 -2.67
C PRO E 81 23.50 -10.62 -1.18
N ILE E 82 22.83 -9.59 -0.70
CA ILE E 82 22.54 -9.46 0.73
C ILE E 82 21.56 -10.55 1.16
N THR E 83 21.74 -11.01 2.40
CA THR E 83 20.79 -11.95 2.99
C THR E 83 20.07 -11.30 4.15
N TYR E 84 18.79 -11.03 3.98
CA TYR E 84 17.96 -10.46 5.03
C TYR E 84 17.39 -11.58 5.87
N CYS E 85 17.11 -11.27 7.13
CA CYS E 85 16.52 -12.25 8.04
C CYS E 85 15.64 -11.60 9.08
N VAL E 86 14.76 -12.38 9.66
CA VAL E 86 13.87 -11.90 10.69
C VAL E 86 13.88 -12.97 11.75
N TYR E 87 13.87 -12.54 13.00
CA TYR E 87 13.88 -13.47 14.12
C TYR E 87 12.52 -13.51 14.74
N VAL E 88 12.04 -14.70 15.01
CA VAL E 88 10.76 -14.87 15.65
C VAL E 88 11.05 -15.47 17.02
N TYR E 89 10.49 -14.84 18.05
CA TYR E 89 10.73 -15.30 19.42
C TYR E 89 9.48 -15.96 19.96
N CYS E 90 9.66 -17.09 20.61
CA CYS E 90 8.55 -17.83 21.13
C CYS E 90 8.82 -18.30 22.54
N GLN E 91 7.76 -18.41 23.33
CA GLN E 91 7.87 -18.85 24.70
C GLN E 91 8.44 -20.25 24.94
N ASN E 92 8.04 -21.25 24.15
CA ASN E 92 8.57 -22.59 24.36
C ASN E 92 9.02 -23.34 23.12
N LYS E 93 10.03 -24.18 23.28
CA LYS E 93 10.54 -24.95 22.16
C LYS E 93 9.44 -25.59 21.36
N ASP E 94 8.39 -26.04 22.05
CA ASP E 94 7.28 -26.66 21.33
C ASP E 94 6.66 -25.67 20.36
N THR E 95 6.49 -24.45 20.81
CA THR E 95 5.91 -23.40 19.96
C THR E 95 6.78 -23.05 18.79
N SER E 96 8.09 -23.02 19.00
CA SER E 96 8.99 -22.61 17.93
C SER E 96 8.87 -23.52 16.73
N LYS E 97 8.80 -24.83 16.96
CA LYS E 97 8.68 -25.72 15.84
C LYS E 97 7.40 -25.41 15.11
N LYS E 98 6.38 -25.08 15.88
CA LYS E 98 5.07 -24.76 15.31
C LYS E 98 5.13 -23.58 14.38
N VAL E 99 5.90 -22.57 14.74
CA VAL E 99 6.08 -21.39 13.90
C VAL E 99 6.81 -21.81 12.62
N GLN E 100 7.80 -22.68 12.76
CA GLN E 100 8.55 -23.19 11.62
C GLN E 100 7.64 -23.92 10.64
N MET E 101 6.66 -24.64 11.19
CA MET E 101 5.66 -25.33 10.37
C MET E 101 4.66 -24.36 9.78
N ALA E 102 4.23 -23.40 10.62
CA ALA E 102 3.22 -22.42 10.24
C ALA E 102 3.55 -21.72 8.94
N ARG E 103 4.78 -21.23 8.85
CA ARG E 103 5.24 -20.55 7.64
C ARG E 103 5.36 -21.55 6.48
N LEU E 104 5.87 -22.72 6.78
CA LEU E 104 6.06 -23.76 5.78
C LEU E 104 4.73 -24.20 5.17
N ALA E 105 3.67 -24.14 5.99
CA ALA E 105 2.33 -24.43 5.52
C ALA E 105 1.83 -23.33 4.59
N TRP E 106 2.02 -22.07 4.99
CA TRP E 106 1.66 -20.93 4.19
C TRP E 106 2.35 -20.95 2.85
N GLU E 107 3.61 -21.38 2.83
CA GLU E 107 4.39 -21.44 1.60
C GLU E 107 3.83 -22.45 0.61
N ALA E 108 3.41 -23.59 1.13
CA ALA E 108 2.78 -24.62 0.30
C ALA E 108 1.35 -24.22 -0.02
N SER E 109 0.66 -23.65 0.97
CA SER E 109 -0.71 -23.21 0.82
C SER E 109 -0.87 -22.14 -0.26
N HIS E 110 -0.10 -21.07 -0.13
CA HIS E 110 -0.18 -19.94 -1.06
C HIS E 110 1.04 -19.92 -1.96
N PRO E 111 0.82 -20.16 -3.29
CA PRO E 111 1.96 -20.24 -4.21
C PRO E 111 2.69 -18.93 -4.38
N LEU E 112 1.99 -17.83 -4.10
CA LEU E 112 2.55 -16.47 -4.17
C LEU E 112 3.81 -16.33 -3.32
N ALA E 113 3.72 -16.75 -2.06
CA ALA E 113 4.78 -16.57 -1.09
C ALA E 113 6.09 -17.22 -1.53
N GLY E 114 7.18 -16.47 -1.43
CA GLY E 114 8.50 -17.02 -1.73
C GLY E 114 8.89 -18.02 -0.66
N ASN E 115 9.82 -18.90 -1.01
CA ASN E 115 10.22 -19.99 -0.09
C ASN E 115 11.37 -19.61 0.80
N LEU E 116 11.07 -19.26 2.04
CA LEU E 116 12.09 -18.88 3.02
C LEU E 116 12.79 -20.07 3.63
N GLN E 117 14.12 -20.00 3.72
CA GLN E 117 14.87 -20.98 4.53
C GLN E 117 14.77 -20.55 5.98
N SER E 118 14.84 -21.49 6.92
CA SER E 118 14.71 -21.16 8.32
C SER E 118 15.48 -22.12 9.22
N SER E 119 15.51 -21.80 10.51
CA SER E 119 16.18 -22.63 11.50
C SER E 119 15.67 -22.31 12.90
N ILE E 120 15.48 -23.34 13.72
CA ILE E 120 15.08 -23.14 15.10
C ILE E 120 16.25 -22.55 15.89
N VAL E 121 15.93 -21.71 16.87
CA VAL E 121 16.96 -21.00 17.63
C VAL E 121 16.82 -21.36 19.12
N LYS E 122 17.97 -21.50 19.78
CA LYS E 122 18.02 -21.92 21.17
C LYS E 122 18.90 -20.98 21.98
N PHE E 123 18.29 -20.25 22.93
CA PHE E 123 19.03 -19.35 23.81
C PHE E 123 19.27 -20.00 25.15
N LYS E 124 20.45 -19.73 25.73
CA LYS E 124 20.75 -20.26 27.06
C LYS E 124 20.06 -19.43 28.13
N LYS E 125 20.38 -18.14 28.14
CA LYS E 125 19.75 -17.20 29.07
C LYS E 125 18.48 -16.63 28.43
N PRO E 126 17.40 -16.47 29.21
CA PRO E 126 16.16 -15.92 28.67
C PRO E 126 16.26 -14.44 28.28
N LEU E 127 15.31 -13.99 27.45
CA LEU E 127 15.26 -12.61 26.96
C LEU E 127 14.13 -11.82 27.59
N PRO E 128 14.32 -10.45 27.66
CA PRO E 128 13.23 -9.71 28.30
C PRO E 128 12.13 -9.22 27.36
N LEU E 129 11.46 -10.10 26.64
CA LEU E 129 10.42 -9.63 25.74
C LEU E 129 9.32 -8.94 26.52
N THR E 130 8.98 -9.51 27.67
CA THR E 130 7.94 -8.92 28.49
C THR E 130 8.19 -9.05 29.99
N GLN E 131 7.62 -8.15 30.77
CA GLN E 131 7.76 -8.16 32.21
C GLN E 131 9.18 -8.47 32.65
N ALA F 13 35.88 2.35 12.49
CA ALA F 13 36.70 3.60 12.64
C ALA F 13 36.85 3.97 14.10
N LYS F 14 35.76 4.32 14.76
CA LYS F 14 35.81 4.62 16.21
C LYS F 14 35.87 3.34 17.05
N ALA F 15 35.60 2.22 16.41
CA ALA F 15 35.64 0.91 17.06
C ALA F 15 36.94 0.19 16.75
N ARG F 16 37.96 0.95 16.39
CA ARG F 16 39.29 0.38 16.11
C ARG F 16 39.96 -0.18 17.36
N PRO F 17 40.01 0.58 18.46
CA PRO F 17 40.67 0.04 19.64
C PRO F 17 39.98 -1.20 20.18
N GLN F 18 38.65 -1.19 20.09
CA GLN F 18 37.85 -2.32 20.55
C GLN F 18 38.10 -3.53 19.67
N HIS F 19 38.21 -3.29 18.36
CA HIS F 19 38.49 -4.36 17.40
C HIS F 19 39.80 -5.07 17.70
N ILE F 20 40.85 -4.31 17.97
CA ILE F 20 42.18 -4.84 18.19
C ILE F 20 42.26 -5.63 19.50
N PHE F 21 41.49 -5.19 20.50
CA PHE F 21 41.42 -5.89 21.78
C PHE F 21 40.97 -7.33 21.57
N TYR F 22 39.93 -7.49 20.75
CA TYR F 22 39.36 -8.79 20.41
C TYR F 22 40.27 -9.59 19.50
N ARG F 23 40.96 -8.87 18.60
CA ARG F 23 41.87 -9.46 17.64
C ARG F 23 42.91 -10.34 18.32
N ARG F 24 43.55 -9.79 19.36
CA ARG F 24 44.56 -10.52 20.13
C ARG F 24 43.91 -11.49 21.13
N PHE F 25 42.76 -11.09 21.68
CA PHE F 25 42.09 -11.88 22.68
C PHE F 25 41.62 -13.22 22.11
N LEU F 26 40.86 -13.16 21.03
CA LEU F 26 40.28 -14.36 20.41
C LEU F 26 41.36 -15.26 19.84
N GLY F 27 42.48 -14.67 19.41
CA GLY F 27 43.61 -15.42 18.93
C GLY F 27 43.33 -16.24 17.69
N LYS F 28 43.44 -17.57 17.80
CA LYS F 28 43.24 -18.43 16.64
C LYS F 28 41.76 -18.70 16.36
N ASP F 29 40.91 -18.37 17.33
CA ASP F 29 39.46 -18.55 17.17
C ASP F 29 38.92 -17.56 16.15
N GLY F 30 39.70 -16.52 15.86
CA GLY F 30 39.35 -15.57 14.83
C GLY F 30 39.43 -16.19 13.45
N ARG F 31 40.25 -17.23 13.34
CA ARG F 31 40.43 -17.90 12.06
C ARG F 31 39.20 -18.74 11.69
N ARG F 32 39.21 -19.31 10.49
CA ARG F 32 38.05 -19.97 9.95
C ARG F 32 37.78 -21.39 10.46
N ASP F 33 38.79 -22.25 10.40
CA ASP F 33 38.59 -23.67 10.63
C ASP F 33 37.48 -24.11 9.65
N PRO F 34 37.74 -23.94 8.34
CA PRO F 34 36.74 -24.00 7.26
C PRO F 34 35.77 -25.17 7.33
N LYS F 35 36.20 -26.27 7.92
CA LYS F 35 35.35 -27.44 8.05
C LYS F 35 34.11 -27.12 8.88
N CYS F 36 34.28 -26.27 9.90
CA CYS F 36 33.18 -25.90 10.80
C CYS F 36 32.00 -25.18 10.12
N GLN F 37 30.80 -25.44 10.65
CA GLN F 37 29.55 -24.86 10.18
C GLN F 37 29.11 -23.84 11.21
N TRP F 38 28.37 -22.82 10.80
CA TRP F 38 27.97 -21.81 11.79
C TRP F 38 26.63 -22.17 12.38
N LYS F 39 26.66 -22.68 13.61
CA LYS F 39 25.44 -23.09 14.30
C LYS F 39 25.31 -22.44 15.67
N PHE F 40 26.28 -21.59 16.00
CA PHE F 40 26.28 -20.89 17.30
C PHE F 40 26.46 -19.38 17.11
N ALA F 41 26.00 -18.61 18.09
CA ALA F 41 26.18 -17.18 18.11
C ALA F 41 26.05 -16.63 19.52
N VAL F 42 26.27 -15.32 19.65
CA VAL F 42 26.06 -14.62 20.92
C VAL F 42 25.22 -13.38 20.69
N ILE F 43 24.08 -13.30 21.36
CA ILE F 43 23.23 -12.11 21.28
C ILE F 43 23.58 -11.15 22.42
N PHE F 44 23.93 -9.91 22.07
CA PHE F 44 24.12 -8.85 23.05
C PHE F 44 22.95 -7.92 22.95
N TRP F 45 22.41 -7.49 24.08
CA TRP F 45 21.31 -6.53 24.09
C TRP F 45 21.42 -5.50 25.21
N GLY F 46 21.07 -4.26 24.89
CA GLY F 46 21.08 -3.15 25.84
C GLY F 46 20.24 -1.99 25.38
N ASN F 47 20.28 -0.91 26.12
CA ASN F 47 19.47 0.30 25.80
C ASN F 47 20.18 1.38 24.96
N ASP F 48 21.47 1.21 24.80
CA ASP F 48 22.30 2.11 24.01
C ASP F 48 22.79 1.55 22.67
N PRO F 49 22.09 1.92 21.56
CA PRO F 49 22.44 1.45 20.22
C PRO F 49 23.88 1.57 19.81
N TYR F 50 24.43 2.75 19.97
CA TYR F 50 25.72 3.08 19.35
C TYR F 50 26.85 2.33 20.01
N GLY F 51 26.66 1.94 21.27
CA GLY F 51 27.60 1.02 21.93
C GLY F 51 27.56 -0.33 21.22
N LEU F 52 26.35 -0.76 20.87
CA LEU F 52 26.18 -2.02 20.15
C LEU F 52 26.68 -1.91 18.74
N LYS F 53 26.52 -0.72 18.13
CA LYS F 53 27.05 -0.48 16.82
C LYS F 53 28.54 -0.71 16.84
N LYS F 54 29.25 -0.01 17.71
CA LYS F 54 30.68 -0.13 17.86
C LYS F 54 31.12 -1.58 18.11
N LEU F 55 30.35 -2.31 18.91
CA LEU F 55 30.58 -3.73 19.12
C LEU F 55 30.52 -4.49 17.79
N SER F 56 29.44 -4.24 17.04
CA SER F 56 29.22 -4.89 15.76
C SER F 56 30.40 -4.64 14.80
N GLN F 57 30.87 -3.39 14.72
CA GLN F 57 31.97 -3.06 13.84
C GLN F 57 33.26 -3.73 14.31
N ALA F 58 33.38 -3.89 15.63
CA ALA F 58 34.57 -4.48 16.22
C ALA F 58 34.66 -5.99 15.92
N PHE F 59 33.56 -6.70 16.10
CA PHE F 59 33.52 -8.16 15.86
C PHE F 59 33.40 -8.45 14.38
N GLN F 60 34.51 -8.45 13.67
CA GLN F 60 34.50 -8.76 12.24
C GLN F 60 35.74 -9.50 11.82
N PHE F 61 35.71 -10.81 12.05
CA PHE F 61 36.83 -11.69 11.71
C PHE F 61 36.32 -12.83 10.84
N GLY F 62 37.27 -13.60 10.30
CA GLY F 62 36.93 -14.76 9.48
C GLY F 62 36.18 -15.81 10.28
N GLY F 63 36.43 -15.87 11.59
CA GLY F 63 35.83 -16.87 12.45
C GLY F 63 34.66 -16.34 13.26
N VAL F 64 34.55 -15.02 13.38
CA VAL F 64 33.48 -14.39 14.14
C VAL F 64 32.93 -13.20 13.38
N LYS F 65 31.67 -13.30 12.96
CA LYS F 65 31.00 -12.24 12.23
C LYS F 65 29.75 -11.75 12.92
N ALA F 66 29.69 -10.45 13.19
CA ALA F 66 28.52 -9.82 13.81
C ALA F 66 27.59 -9.26 12.76
N GLY F 67 26.30 -9.48 12.96
CA GLY F 67 25.27 -8.85 12.12
C GLY F 67 25.12 -7.43 12.53
N PRO F 68 24.23 -6.67 11.88
CA PRO F 68 24.00 -5.28 12.27
C PRO F 68 23.14 -5.17 13.51
N VAL F 69 23.05 -3.97 14.08
CA VAL F 69 22.20 -3.74 15.23
C VAL F 69 20.72 -3.88 14.83
N SER F 70 19.93 -4.44 15.74
CA SER F 70 18.47 -4.51 15.57
C SER F 70 17.79 -4.39 16.90
N CYS F 71 16.47 -4.63 16.92
CA CYS F 71 15.69 -4.54 18.16
C CYS F 71 15.14 -5.90 18.58
N LEU F 72 14.66 -5.93 19.83
CA LEU F 72 13.81 -7.00 20.30
C LEU F 72 12.43 -6.40 20.48
N PRO F 73 11.37 -7.17 20.18
CA PRO F 73 10.06 -6.56 20.32
C PRO F 73 9.68 -6.29 21.77
N HIS F 74 8.57 -5.57 21.92
CA HIS F 74 7.95 -5.32 23.20
C HIS F 74 6.47 -5.21 22.92
N PRO F 75 5.61 -5.46 23.93
CA PRO F 75 4.17 -5.33 23.68
C PRO F 75 3.76 -3.86 23.83
N GLY F 76 2.73 -3.46 23.09
CA GLY F 76 2.19 -2.11 23.18
C GLY F 76 1.95 -1.62 24.60
N PRO F 77 1.27 -2.42 25.45
CA PRO F 77 0.98 -1.94 26.80
C PRO F 77 2.22 -1.67 27.67
N ASP F 78 3.23 -2.53 27.58
CA ASP F 78 4.42 -2.44 28.41
C ASP F 78 5.18 -1.13 28.24
N GLN F 79 5.48 -0.48 29.35
CA GLN F 79 6.44 0.62 29.38
C GLN F 79 7.81 0.00 29.14
N SER F 80 8.56 0.53 28.18
CA SER F 80 9.80 -0.14 27.75
C SER F 80 10.94 0.77 27.32
N PRO F 81 12.15 0.27 27.49
CA PRO F 81 13.37 0.99 27.13
C PRO F 81 13.76 0.87 25.66
N ILE F 82 12.97 0.18 24.85
CA ILE F 82 13.31 0.05 23.44
C ILE F 82 14.69 -0.57 23.24
N THR F 83 14.92 -1.69 23.90
CA THR F 83 16.20 -2.39 23.83
C THR F 83 16.57 -2.83 22.42
N TYR F 84 17.85 -2.66 22.12
CA TYR F 84 18.47 -3.00 20.84
C TYR F 84 19.35 -4.22 21.05
N CYS F 85 19.79 -4.83 19.96
CA CYS F 85 20.66 -6.00 20.08
C CYS F 85 21.49 -6.21 18.84
N VAL F 86 22.53 -7.03 19.00
CA VAL F 86 23.33 -7.46 17.87
C VAL F 86 23.66 -8.94 18.04
N TYR F 87 23.55 -9.69 16.96
CA TYR F 87 23.98 -11.08 16.93
C TYR F 87 25.41 -11.18 16.49
N VAL F 88 26.15 -12.06 17.18
CA VAL F 88 27.54 -12.33 16.85
C VAL F 88 27.65 -13.82 16.52
N TYR F 89 27.67 -14.13 15.23
CA TYR F 89 27.68 -15.51 14.76
C TYR F 89 29.08 -16.11 14.82
N CYS F 90 29.16 -17.41 15.10
CA CYS F 90 30.45 -18.08 15.38
C CYS F 90 30.60 -19.43 14.70
N GLN F 91 31.80 -20.00 14.80
CA GLN F 91 32.07 -21.33 14.27
C GLN F 91 31.42 -22.40 15.14
N ASN F 92 31.84 -22.44 16.39
CA ASN F 92 31.49 -23.49 17.33
C ASN F 92 31.09 -22.90 18.69
N LYS F 93 30.56 -23.76 19.56
CA LYS F 93 30.22 -23.35 20.92
C LYS F 93 31.48 -22.90 21.65
N ASP F 94 32.61 -23.45 21.22
CA ASP F 94 33.93 -23.08 21.76
C ASP F 94 34.17 -21.57 21.59
N THR F 95 34.01 -21.09 20.37
CA THR F 95 34.22 -19.66 20.05
C THR F 95 33.13 -18.79 20.64
N SER F 96 31.90 -19.31 20.69
CA SER F 96 30.74 -18.52 21.13
C SER F 96 30.89 -18.05 22.57
N LYS F 97 31.38 -18.93 23.45
CA LYS F 97 31.60 -18.56 24.84
C LYS F 97 32.77 -17.62 24.94
N LYS F 98 33.83 -17.91 24.20
CA LYS F 98 35.01 -17.02 24.17
C LYS F 98 34.62 -15.58 23.81
N VAL F 99 33.69 -15.44 22.87
CA VAL F 99 33.15 -14.14 22.45
C VAL F 99 32.50 -13.49 23.66
N GLN F 100 31.70 -14.27 24.37
CA GLN F 100 30.99 -13.79 25.54
C GLN F 100 31.98 -13.28 26.58
N MET F 101 33.11 -13.96 26.73
CA MET F 101 34.13 -13.55 27.67
C MET F 101 34.85 -12.30 27.15
N ALA F 102 35.16 -12.30 25.87
CA ALA F 102 35.92 -11.22 25.24
C ALA F 102 35.30 -9.84 25.51
N ARG F 103 33.98 -9.74 25.35
CA ARG F 103 33.27 -8.50 25.59
C ARG F 103 33.27 -8.15 27.07
N LEU F 104 33.12 -9.16 27.93
CA LEU F 104 33.10 -8.93 29.37
C LEU F 104 34.44 -8.40 29.84
N ALA F 105 35.52 -8.85 29.20
CA ALA F 105 36.85 -8.37 29.54
C ALA F 105 36.97 -6.88 29.20
N TRP F 106 36.51 -6.52 28.01
CA TRP F 106 36.51 -5.13 27.57
C TRP F 106 35.67 -4.25 28.49
N GLU F 107 34.55 -4.79 28.95
CA GLU F 107 33.64 -4.05 29.83
C GLU F 107 34.27 -3.78 31.18
N ALA F 108 35.02 -4.76 31.70
CA ALA F 108 35.74 -4.60 32.96
C ALA F 108 37.00 -3.76 32.72
N SER F 109 37.64 -3.99 31.59
CA SER F 109 38.84 -3.24 31.21
C SER F 109 38.55 -1.74 31.08
N HIS F 110 37.60 -1.40 30.23
CA HIS F 110 37.24 -0.01 29.96
C HIS F 110 35.92 0.32 30.64
N PRO F 111 35.96 1.15 31.72
CA PRO F 111 34.74 1.42 32.48
C PRO F 111 33.73 2.27 31.70
N LEU F 112 34.21 2.92 30.65
CA LEU F 112 33.41 3.72 29.75
C LEU F 112 32.23 2.90 29.24
N ALA F 113 32.54 1.76 28.61
CA ALA F 113 31.57 0.93 27.96
C ALA F 113 30.45 0.49 28.89
N GLY F 114 29.21 0.67 28.46
CA GLY F 114 28.05 0.24 29.23
C GLY F 114 28.05 -1.29 29.28
N ASN F 115 27.54 -1.83 30.38
CA ASN F 115 27.60 -3.28 30.60
C ASN F 115 26.44 -4.02 29.96
N LEU F 116 26.71 -4.63 28.79
CA LEU F 116 25.66 -5.33 28.04
C LEU F 116 25.34 -6.68 28.62
N GLN F 117 24.06 -7.02 28.63
CA GLN F 117 23.65 -8.40 28.91
C GLN F 117 23.79 -9.20 27.63
N SER F 118 23.99 -10.50 27.73
CA SER F 118 24.19 -11.33 26.57
C SER F 118 23.73 -12.76 26.79
N SER F 119 23.69 -13.54 25.71
CA SER F 119 23.32 -14.95 25.80
C SER F 119 23.89 -15.75 24.64
N ILE F 120 24.43 -16.93 24.97
CA ILE F 120 24.94 -17.82 23.95
C ILE F 120 23.73 -18.36 23.15
N VAL F 121 23.93 -18.57 21.85
CA VAL F 121 22.84 -18.96 20.96
C VAL F 121 23.18 -20.28 20.28
N LYS F 122 22.15 -21.10 20.06
CA LYS F 122 22.29 -22.40 19.43
C LYS F 122 21.27 -22.55 18.31
N PHE F 123 21.75 -22.83 17.11
CA PHE F 123 20.89 -23.02 15.93
C PHE F 123 20.69 -24.47 15.59
N LYS F 124 19.51 -24.82 15.06
CA LYS F 124 19.21 -26.19 14.65
C LYS F 124 19.94 -26.49 13.35
N LYS F 125 19.62 -25.74 12.29
CA LYS F 125 20.25 -25.89 10.99
C LYS F 125 21.41 -24.90 10.88
N PRO F 126 22.45 -25.24 10.10
CA PRO F 126 23.53 -24.25 9.87
C PRO F 126 23.08 -23.09 9.01
N LEU F 127 23.75 -21.93 9.15
CA LEU F 127 23.41 -20.75 8.36
C LEU F 127 24.41 -20.55 7.25
N PRO F 128 24.01 -19.83 6.18
CA PRO F 128 24.88 -19.71 4.99
C PRO F 128 25.88 -18.57 5.09
N LEU F 129 27.04 -18.86 5.65
CA LEU F 129 28.07 -17.85 5.96
C LEU F 129 29.42 -18.37 5.49
N THR F 130 29.86 -17.95 4.32
CA THR F 130 31.20 -18.38 3.83
C THR F 130 31.82 -17.41 2.84
N ALA G 13 -5.73 3.41 2.64
CA ALA G 13 -4.51 3.79 3.34
C ALA G 13 -3.96 5.11 2.78
N LYS G 14 -3.77 5.17 1.46
CA LYS G 14 -2.89 6.13 0.85
C LYS G 14 -3.42 7.54 0.60
N ALA G 15 -4.73 7.71 0.62
CA ALA G 15 -5.35 9.02 0.33
C ALA G 15 -5.87 9.69 1.61
N ARG G 16 -5.34 9.29 2.76
CA ARG G 16 -5.73 9.86 4.04
C ARG G 16 -5.33 11.34 4.17
N PRO G 17 -4.06 11.68 3.89
CA PRO G 17 -3.67 13.08 4.10
C PRO G 17 -4.41 14.06 3.18
N GLN G 18 -4.70 13.62 1.95
CA GLN G 18 -5.43 14.44 1.01
C GLN G 18 -6.89 14.58 1.43
N HIS G 19 -7.41 13.52 2.05
CA HIS G 19 -8.79 13.50 2.56
C HIS G 19 -8.98 14.54 3.65
N ILE G 20 -8.02 14.63 4.55
CA ILE G 20 -8.11 15.54 5.71
C ILE G 20 -7.85 16.98 5.27
N PHE G 21 -7.05 17.15 4.23
CA PHE G 21 -6.81 18.48 3.68
C PHE G 21 -8.11 19.10 3.22
N TYR G 22 -8.86 18.35 2.43
CA TYR G 22 -10.17 18.80 1.94
C TYR G 22 -11.15 18.91 3.08
N ARG G 23 -10.99 18.07 4.09
CA ARG G 23 -11.92 18.01 5.21
C ARG G 23 -12.05 19.36 5.91
N ARG G 24 -10.91 19.98 6.23
CA ARG G 24 -10.94 21.27 6.93
C ARG G 24 -10.87 22.44 5.97
N PHE G 25 -10.55 22.16 4.71
CA PHE G 25 -10.58 23.19 3.66
C PHE G 25 -12.02 23.55 3.31
N LEU G 26 -12.82 22.55 3.01
CA LEU G 26 -14.20 22.74 2.63
C LEU G 26 -15.06 23.20 3.81
N GLY G 27 -14.69 22.77 4.99
CA GLY G 27 -15.41 23.15 6.21
C GLY G 27 -16.83 22.67 6.26
N LYS G 28 -17.78 23.58 6.36
CA LYS G 28 -19.20 23.21 6.45
C LYS G 28 -19.75 22.76 5.09
N ASP G 29 -19.05 23.10 4.01
CA ASP G 29 -19.46 22.70 2.66
C ASP G 29 -19.42 21.19 2.46
N GLY G 30 -18.80 20.48 3.39
CA GLY G 30 -18.71 19.04 3.33
C GLY G 30 -19.97 18.32 3.80
N ARG G 31 -20.90 19.08 4.38
CA ARG G 31 -22.13 18.51 4.91
C ARG G 31 -23.30 18.68 3.94
N ARG G 32 -24.09 17.62 3.78
CA ARG G 32 -25.22 17.61 2.88
C ARG G 32 -26.26 18.60 3.37
N ASP G 33 -26.65 19.55 2.50
CA ASP G 33 -27.78 20.44 2.78
C ASP G 33 -29.06 19.61 2.83
N PRO G 34 -30.13 20.14 3.40
CA PRO G 34 -31.35 19.33 3.46
C PRO G 34 -31.93 19.09 2.05
N LYS G 35 -31.63 17.91 1.49
CA LYS G 35 -32.06 17.53 0.17
C LYS G 35 -31.86 18.63 -0.88
N CYS G 36 -30.70 19.26 -0.87
CA CYS G 36 -30.31 20.13 -1.98
C CYS G 36 -29.91 19.24 -3.14
N GLN G 37 -30.49 19.54 -4.30
CA GLN G 37 -30.33 18.71 -5.46
C GLN G 37 -28.91 18.75 -6.02
N TRP G 38 -28.40 17.58 -6.38
CA TRP G 38 -27.06 17.45 -6.92
C TRP G 38 -27.04 17.85 -8.38
N LYS G 39 -26.74 19.12 -8.64
CA LYS G 39 -26.85 19.71 -9.97
C LYS G 39 -25.54 20.29 -10.49
N PHE G 40 -24.51 20.22 -9.65
CA PHE G 40 -23.18 20.71 -10.02
C PHE G 40 -22.11 19.68 -9.71
N ALA G 41 -21.01 19.74 -10.43
CA ALA G 41 -19.89 18.86 -10.19
C ALA G 41 -18.60 19.47 -10.73
N VAL G 42 -17.48 18.80 -10.47
CA VAL G 42 -16.17 19.20 -11.01
C VAL G 42 -15.51 18.02 -11.65
N ILE G 43 -15.17 18.15 -12.92
CA ILE G 43 -14.45 17.08 -13.61
C ILE G 43 -12.93 17.37 -13.56
N PHE G 44 -12.18 16.43 -13.00
CA PHE G 44 -10.73 16.47 -13.06
C PHE G 44 -10.24 15.46 -14.07
N TRP G 45 -9.25 15.81 -14.87
CA TRP G 45 -8.69 14.89 -15.84
C TRP G 45 -7.19 15.04 -16.02
N GLY G 46 -6.52 13.92 -16.18
CA GLY G 46 -5.07 13.88 -16.38
C GLY G 46 -4.67 12.56 -16.98
N ASN G 47 -3.42 12.44 -17.41
CA ASN G 47 -2.91 11.20 -17.98
C ASN G 47 -2.72 10.09 -16.97
N ASP G 48 -2.10 10.41 -15.84
CA ASP G 48 -1.87 9.40 -14.80
C ASP G 48 -3.16 9.14 -14.06
N PRO G 49 -3.60 7.88 -14.04
CA PRO G 49 -4.84 7.54 -13.41
C PRO G 49 -4.80 7.34 -11.91
N TYR G 50 -3.66 6.93 -11.37
CA TYR G 50 -3.61 6.67 -9.93
C TYR G 50 -3.87 7.93 -9.15
N GLY G 51 -3.39 9.06 -9.64
CA GLY G 51 -3.63 10.32 -8.97
C GLY G 51 -5.11 10.54 -8.88
N LEU G 52 -5.80 10.30 -9.99
CA LEU G 52 -7.25 10.49 -10.03
C LEU G 52 -7.94 9.59 -9.07
N LYS G 53 -7.48 8.35 -8.99
CA LYS G 53 -8.10 7.40 -8.10
C LYS G 53 -7.95 7.91 -6.69
N LYS G 54 -6.77 8.41 -6.35
CA LYS G 54 -6.54 8.89 -4.99
C LYS G 54 -7.45 10.06 -4.71
N LEU G 55 -7.58 10.93 -5.68
CA LEU G 55 -8.43 12.10 -5.52
C LEU G 55 -9.85 11.64 -5.29
N SER G 56 -10.26 10.66 -6.07
CA SER G 56 -11.60 10.09 -5.97
C SER G 56 -11.89 9.62 -4.56
N GLN G 57 -10.91 8.94 -3.97
CA GLN G 57 -11.05 8.42 -2.61
C GLN G 57 -11.08 9.56 -1.60
N ALA G 58 -10.39 10.66 -1.90
CA ALA G 58 -10.27 11.76 -0.97
C ALA G 58 -11.56 12.58 -0.88
N PHE G 59 -12.16 12.88 -2.02
CA PHE G 59 -13.41 13.67 -2.06
C PHE G 59 -14.60 12.80 -1.75
N GLN G 60 -14.75 12.45 -0.49
CA GLN G 60 -15.87 11.63 -0.04
C GLN G 60 -16.46 12.19 1.23
N PHE G 61 -17.39 13.13 1.07
CA PHE G 61 -18.09 13.75 2.19
C PHE G 61 -19.58 13.69 1.94
N GLY G 62 -20.35 14.07 2.96
CA GLY G 62 -21.80 14.13 2.82
C GLY G 62 -22.21 15.15 1.78
N GLY G 63 -21.42 16.20 1.65
CA GLY G 63 -21.72 17.29 0.75
C GLY G 63 -21.05 17.19 -0.61
N VAL G 64 -19.95 16.41 -0.67
CA VAL G 64 -19.17 16.26 -1.89
C VAL G 64 -18.79 14.81 -2.09
N LYS G 65 -19.33 14.22 -3.17
CA LYS G 65 -19.07 12.83 -3.49
C LYS G 65 -18.47 12.65 -4.88
N ALA G 66 -17.31 12.00 -4.94
CA ALA G 66 -16.64 11.71 -6.20
C ALA G 66 -17.03 10.34 -6.69
N GLY G 67 -17.30 10.25 -7.99
CA GLY G 67 -17.52 8.96 -8.63
C GLY G 67 -16.21 8.24 -8.81
N PRO G 68 -16.21 7.07 -9.43
CA PRO G 68 -14.97 6.37 -9.74
C PRO G 68 -14.24 6.98 -10.94
N VAL G 69 -12.99 6.57 -11.12
CA VAL G 69 -12.21 6.99 -12.27
C VAL G 69 -12.80 6.38 -13.54
N SER G 70 -12.86 7.17 -14.59
CA SER G 70 -13.23 6.68 -15.93
C SER G 70 -12.51 7.50 -16.97
N CYS G 71 -12.85 7.32 -18.23
CA CYS G 71 -12.12 7.91 -19.34
C CYS G 71 -12.93 8.96 -20.09
N LEU G 72 -12.22 9.73 -20.91
CA LEU G 72 -12.84 10.50 -21.97
C LEU G 72 -12.39 9.85 -23.28
N PRO G 73 -13.25 9.92 -24.31
CA PRO G 73 -13.04 9.09 -25.48
C PRO G 73 -11.82 9.50 -26.31
N HIS G 74 -11.21 8.53 -26.98
CA HIS G 74 -10.25 8.79 -28.04
C HIS G 74 -10.92 9.67 -29.10
N PRO G 75 -10.16 10.60 -29.69
CA PRO G 75 -10.73 11.38 -30.80
C PRO G 75 -11.04 10.49 -31.99
N GLY G 76 -10.16 9.52 -32.17
CA GLY G 76 -10.29 8.54 -33.23
C GLY G 76 -9.29 7.49 -32.83
N PRO G 77 -9.01 6.50 -33.74
CA PRO G 77 -8.00 5.54 -33.28
C PRO G 77 -6.68 6.24 -33.54
N ASP G 78 -6.47 7.32 -32.80
CA ASP G 78 -5.27 8.13 -32.92
C ASP G 78 -4.75 8.51 -31.53
N SER G 80 -2.50 11.15 -28.32
CA SER G 80 -2.16 11.20 -26.89
C SER G 80 -2.77 10.05 -26.13
N PRO G 81 -2.12 9.61 -25.03
CA PRO G 81 -2.64 8.49 -24.24
C PRO G 81 -4.04 8.77 -23.70
N ILE G 82 -4.70 7.69 -23.30
CA ILE G 82 -6.02 7.79 -22.68
C ILE G 82 -5.99 8.79 -21.53
N THR G 83 -6.88 9.78 -21.59
CA THR G 83 -7.02 10.75 -20.51
C THR G 83 -8.09 10.29 -19.53
N TYR G 84 -7.66 9.93 -18.33
CA TYR G 84 -8.57 9.49 -17.29
C TYR G 84 -9.19 10.68 -16.60
N CYS G 85 -10.38 10.51 -16.07
CA CYS G 85 -11.07 11.57 -15.35
C CYS G 85 -11.92 11.05 -14.22
N VAL G 86 -12.25 11.94 -13.29
CA VAL G 86 -13.19 11.64 -12.21
C VAL G 86 -14.14 12.81 -12.03
N TYR G 87 -15.42 12.51 -11.87
CA TYR G 87 -16.42 13.54 -11.58
C TYR G 87 -16.58 13.64 -10.08
N VAL G 88 -16.59 14.87 -9.59
CA VAL G 88 -16.76 15.14 -8.18
C VAL G 88 -18.05 15.92 -8.02
N TYR G 89 -19.11 15.22 -7.66
CA TYR G 89 -20.45 15.82 -7.58
C TYR G 89 -20.64 16.65 -6.32
N CYS G 90 -21.46 17.69 -6.42
CA CYS G 90 -21.62 18.66 -5.34
C CYS G 90 -23.08 19.05 -5.08
N GLN G 91 -23.28 19.83 -4.04
CA GLN G 91 -24.57 20.39 -3.70
C GLN G 91 -24.94 21.54 -4.62
N ASN G 92 -24.12 22.59 -4.58
CA ASN G 92 -24.42 23.85 -5.28
C ASN G 92 -23.20 24.34 -6.04
N LYS G 93 -23.41 25.35 -6.88
CA LYS G 93 -22.33 25.99 -7.61
C LYS G 93 -21.32 26.57 -6.63
N ASP G 94 -21.82 26.94 -5.45
CA ASP G 94 -20.98 27.46 -4.39
C ASP G 94 -19.90 26.46 -3.98
N THR G 95 -20.31 25.24 -3.73
CA THR G 95 -19.40 24.16 -3.32
C THR G 95 -18.54 23.70 -4.49
N SER G 96 -19.12 23.71 -5.69
CA SER G 96 -18.43 23.19 -6.87
C SER G 96 -17.15 23.93 -7.15
N LYS G 97 -17.20 25.27 -7.05
CA LYS G 97 -16.00 26.08 -7.24
C LYS G 97 -15.03 25.84 -6.11
N LYS G 98 -15.55 25.69 -4.90
CA LYS G 98 -14.70 25.45 -3.73
C LYS G 98 -13.91 24.16 -3.86
N VAL G 99 -14.53 23.12 -4.41
CA VAL G 99 -13.84 21.87 -4.66
C VAL G 99 -12.72 22.09 -5.68
N GLN G 100 -13.00 22.88 -6.70
CA GLN G 100 -12.02 23.23 -7.71
C GLN G 100 -10.82 23.93 -7.05
N MET G 101 -11.09 24.90 -6.18
CA MET G 101 -10.04 25.58 -5.45
C MET G 101 -9.28 24.63 -4.54
N ALA G 102 -10.02 23.77 -3.84
CA ALA G 102 -9.46 22.84 -2.86
C ALA G 102 -8.32 22.02 -3.43
N ARG G 103 -8.54 21.46 -4.62
CA ARG G 103 -7.53 20.63 -5.26
C ARG G 103 -6.35 21.47 -5.72
N LEU G 104 -6.63 22.66 -6.26
CA LEU G 104 -5.58 23.54 -6.75
C LEU G 104 -4.68 24.04 -5.61
N ALA G 105 -5.25 24.08 -4.41
CA ALA G 105 -4.49 24.45 -3.22
C ALA G 105 -3.55 23.31 -2.86
N TRP G 106 -4.08 22.09 -2.83
CA TRP G 106 -3.29 20.89 -2.56
C TRP G 106 -2.15 20.75 -3.54
N GLU G 107 -2.40 21.09 -4.80
CA GLU G 107 -1.40 20.97 -5.85
C GLU G 107 -0.24 21.91 -5.62
N ALA G 108 -0.56 23.15 -5.22
CA ALA G 108 0.46 24.15 -4.89
C ALA G 108 1.07 23.83 -3.55
N SER G 109 0.24 23.41 -2.61
CA SER G 109 0.65 23.06 -1.27
C SER G 109 1.67 21.91 -1.27
N HIS G 110 1.30 20.78 -1.87
CA HIS G 110 2.13 19.59 -1.90
C HIS G 110 2.72 19.40 -3.28
N PRO G 111 4.07 19.60 -3.38
CA PRO G 111 4.70 19.64 -4.71
C PRO G 111 4.67 18.30 -5.42
N LEU G 112 4.54 17.23 -4.63
CA LEU G 112 4.55 15.87 -5.16
C LEU G 112 3.39 15.66 -6.14
N ALA G 113 2.19 16.12 -5.76
CA ALA G 113 0.99 15.88 -6.54
C ALA G 113 1.09 16.52 -7.93
N GLY G 114 0.71 15.74 -8.95
CA GLY G 114 0.70 16.23 -10.33
C GLY G 114 -0.42 17.24 -10.51
N ASN G 115 -0.28 18.08 -11.52
CA ASN G 115 -1.23 19.16 -11.79
C ASN G 115 -2.38 18.69 -12.69
N LEU G 116 -3.52 18.43 -12.07
CA LEU G 116 -4.73 18.06 -12.84
C LEU G 116 -5.44 19.24 -13.43
N GLN G 117 -5.81 19.14 -14.69
CA GLN G 117 -6.71 20.12 -15.30
C GLN G 117 -8.12 19.78 -14.84
N SER G 118 -8.98 20.80 -14.75
CA SER G 118 -10.35 20.56 -14.29
C SER G 118 -11.36 21.46 -15.00
N SER G 119 -12.62 21.34 -14.59
CA SER G 119 -13.68 22.20 -15.11
C SER G 119 -14.94 22.04 -14.29
N ILE G 120 -15.60 23.17 -14.01
CA ILE G 120 -16.88 23.13 -13.29
C ILE G 120 -17.95 22.56 -14.21
N VAL G 121 -18.88 21.79 -13.62
CA VAL G 121 -19.90 21.08 -14.39
C VAL G 121 -21.29 21.57 -13.92
N LYS G 122 -22.19 21.71 -14.88
CA LYS G 122 -23.53 22.22 -14.61
C LYS G 122 -24.58 21.29 -15.24
N PHE G 123 -25.37 20.66 -14.37
CA PHE G 123 -26.48 19.83 -14.81
C PHE G 123 -27.79 20.58 -14.72
N LYS G 124 -28.71 20.31 -15.66
CA LYS G 124 -30.02 20.93 -15.62
C LYS G 124 -30.96 20.16 -14.71
N LYS G 125 -31.09 18.88 -15.02
CA LYS G 125 -31.89 17.97 -14.22
C LYS G 125 -31.00 17.41 -13.11
N PRO G 126 -31.49 17.40 -11.86
CA PRO G 126 -30.69 16.85 -10.77
C PRO G 126 -30.48 15.34 -10.85
N LEU G 127 -29.53 14.83 -10.06
CA LEU G 127 -29.13 13.42 -10.10
C LEU G 127 -29.63 12.66 -8.88
N PRO G 128 -29.60 11.32 -8.93
CA PRO G 128 -29.87 10.55 -7.71
C PRO G 128 -28.76 10.83 -6.66
N LEU G 129 -29.13 10.79 -5.38
CA LEU G 129 -28.21 11.00 -4.29
C LEU G 129 -26.88 10.22 -4.41
N ALA H 13 -21.11 -4.34 -31.92
CA ALA H 13 -21.65 -5.60 -32.48
C ALA H 13 -23.17 -5.70 -32.21
N LYS H 14 -23.51 -5.83 -30.94
CA LYS H 14 -24.92 -5.94 -30.52
C LYS H 14 -25.66 -4.60 -30.68
N ALA H 15 -24.91 -3.51 -30.60
CA ALA H 15 -25.47 -2.16 -30.67
C ALA H 15 -25.34 -1.61 -32.08
N ARG H 16 -25.29 -2.49 -33.07
CA ARG H 16 -25.30 -2.07 -34.48
C ARG H 16 -26.61 -1.34 -34.82
N PRO H 17 -27.76 -1.99 -34.61
CA PRO H 17 -29.02 -1.34 -35.02
C PRO H 17 -29.28 0.01 -34.30
N GLN H 18 -28.86 0.11 -33.05
CA GLN H 18 -29.02 1.35 -32.29
C GLN H 18 -28.09 2.43 -32.82
N HIS H 19 -26.94 2.00 -33.34
CA HIS H 19 -25.96 2.92 -33.92
C HIS H 19 -26.48 3.57 -35.20
N ILE H 20 -27.03 2.75 -36.10
CA ILE H 20 -27.50 3.26 -37.39
C ILE H 20 -28.82 4.01 -37.25
N PHE H 21 -29.48 3.84 -36.11
CA PHE H 21 -30.68 4.64 -35.80
C PHE H 21 -30.25 6.08 -35.52
N TYR H 22 -29.27 6.23 -34.63
CA TYR H 22 -28.72 7.53 -34.30
C TYR H 22 -28.01 8.15 -35.50
N ARG H 23 -27.44 7.31 -36.34
CA ARG H 23 -26.71 7.76 -37.54
C ARG H 23 -27.62 8.60 -38.43
N ARG H 24 -28.81 8.10 -38.75
CA ARG H 24 -29.76 8.81 -39.59
C ARG H 24 -30.44 9.93 -38.82
N PHE H 25 -30.71 9.69 -37.54
CA PHE H 25 -31.41 10.66 -36.71
C PHE H 25 -30.62 11.95 -36.55
N LEU H 26 -29.39 11.84 -36.09
CA LEU H 26 -28.55 13.01 -35.81
C LEU H 26 -28.18 13.75 -37.09
N GLY H 27 -28.05 13.00 -38.19
CA GLY H 27 -27.82 13.60 -39.49
C GLY H 27 -26.56 14.43 -39.58
N LYS H 28 -26.72 15.74 -39.81
CA LYS H 28 -25.58 16.63 -40.00
C LYS H 28 -24.79 16.88 -38.71
N ASP H 29 -25.46 16.67 -37.59
CA ASP H 29 -24.86 16.89 -36.26
C ASP H 29 -23.80 15.86 -35.91
N GLY H 30 -23.70 14.80 -36.69
CA GLY H 30 -22.77 13.74 -36.42
C GLY H 30 -21.34 14.01 -36.85
N ARG H 31 -21.15 15.09 -37.59
CA ARG H 31 -19.83 15.41 -38.14
C ARG H 31 -19.02 16.32 -37.24
N ARG H 32 -17.73 16.40 -37.51
CA ARG H 32 -16.83 17.28 -36.76
C ARG H 32 -16.59 18.57 -37.53
N ASP H 33 -16.76 19.70 -36.84
CA ASP H 33 -16.31 20.99 -37.36
C ASP H 33 -15.25 21.53 -36.40
N PRO H 34 -13.99 21.63 -36.88
CA PRO H 34 -12.90 21.92 -35.93
C PRO H 34 -13.11 23.25 -35.19
N LYS H 35 -13.81 24.17 -35.84
CA LYS H 35 -14.14 25.47 -35.29
C LYS H 35 -15.29 25.32 -34.30
N CYS H 36 -15.12 24.42 -33.33
CA CYS H 36 -16.15 24.16 -32.32
C CYS H 36 -15.53 23.47 -31.11
N GLN H 37 -15.89 23.99 -29.92
CA GLN H 37 -15.34 23.50 -28.65
C GLN H 37 -16.32 22.62 -27.92
N TRP H 38 -15.78 21.47 -27.42
CA TRP H 38 -16.61 20.50 -26.72
C TRP H 38 -16.79 20.97 -25.29
N LYS H 39 -17.97 21.52 -25.03
CA LYS H 39 -18.29 22.10 -23.74
C LYS H 39 -19.65 21.62 -23.26
N PHE H 40 -20.26 20.71 -24.03
CA PHE H 40 -21.59 20.17 -23.71
C PHE H 40 -21.62 18.66 -23.75
N ALA H 41 -22.58 18.06 -23.05
CA ALA H 41 -22.73 16.61 -23.01
C ALA H 41 -24.10 16.24 -22.46
N VAL H 42 -24.40 14.95 -22.51
CA VAL H 42 -25.63 14.42 -21.94
C VAL H 42 -25.31 13.22 -21.06
N ILE H 43 -25.67 13.30 -19.78
CA ILE H 43 -25.47 12.17 -18.88
C ILE H 43 -26.74 11.31 -18.87
N PHE H 44 -26.58 10.03 -19.21
CA PHE H 44 -27.67 9.05 -19.09
C PHE H 44 -27.36 8.18 -17.89
N TRP H 45 -28.35 7.93 -17.04
CA TRP H 45 -28.14 7.03 -15.91
C TRP H 45 -29.32 6.08 -15.68
N GLY H 46 -29.00 4.85 -15.29
CA GLY H 46 -29.97 3.79 -15.05
C GLY H 46 -29.31 2.71 -14.23
N ASN H 47 -30.03 1.62 -13.99
CA ASN H 47 -29.53 0.55 -13.11
C ASN H 47 -29.00 -0.66 -13.90
N ASP H 48 -29.44 -0.77 -15.15
CA ASP H 48 -28.96 -1.83 -16.04
C ASP H 48 -27.75 -1.34 -16.84
N PRO H 49 -26.54 -1.83 -16.50
CA PRO H 49 -25.33 -1.27 -17.12
C PRO H 49 -25.13 -1.60 -18.58
N TYR H 50 -25.44 -2.84 -18.94
CA TYR H 50 -25.18 -3.32 -20.30
C TYR H 50 -26.05 -2.60 -21.32
N GLY H 51 -27.21 -2.11 -20.87
CA GLY H 51 -28.06 -1.26 -21.70
C GLY H 51 -27.33 0.01 -22.04
N LEU H 52 -26.68 0.60 -21.04
CA LEU H 52 -25.89 1.80 -21.23
C LEU H 52 -24.65 1.50 -22.04
N LYS H 53 -24.10 0.31 -21.87
CA LYS H 53 -22.91 -0.11 -22.60
C LYS H 53 -23.19 -0.12 -24.10
N LYS H 54 -24.39 -0.55 -24.47
CA LYS H 54 -24.82 -0.51 -25.85
C LYS H 54 -25.05 0.91 -26.29
N LEU H 55 -25.57 1.74 -25.38
CA LEU H 55 -25.78 3.16 -25.66
C LEU H 55 -24.45 3.84 -25.89
N SER H 56 -23.47 3.48 -25.07
CA SER H 56 -22.13 4.05 -25.17
C SER H 56 -21.50 3.67 -26.51
N GLN H 57 -21.67 2.40 -26.91
CA GLN H 57 -21.15 1.90 -28.16
C GLN H 57 -21.84 2.53 -29.36
N ALA H 58 -23.11 2.88 -29.19
CA ALA H 58 -23.92 3.41 -30.29
C ALA H 58 -23.59 4.86 -30.60
N PHE H 59 -23.42 5.68 -29.57
CA PHE H 59 -23.08 7.08 -29.76
C PHE H 59 -21.59 7.28 -29.97
N GLN H 60 -21.13 6.91 -31.15
CA GLN H 60 -19.72 7.08 -31.52
C GLN H 60 -19.61 7.68 -32.92
N PHE H 61 -19.67 9.00 -32.98
CA PHE H 61 -19.54 9.74 -34.23
C PHE H 61 -18.51 10.83 -34.09
N GLY H 62 -18.15 11.46 -35.20
CA GLY H 62 -17.18 12.57 -35.19
C GLY H 62 -17.69 13.75 -34.37
N GLY H 63 -19.02 13.92 -34.32
CA GLY H 63 -19.62 15.04 -33.64
C GLY H 63 -20.17 14.69 -32.27
N VAL H 64 -20.34 13.40 -31.98
CA VAL H 64 -20.86 12.95 -30.70
C VAL H 64 -20.10 11.74 -30.23
N LYS H 65 -19.44 11.86 -29.08
CA LYS H 65 -18.63 10.78 -28.51
C LYS H 65 -19.04 10.46 -27.08
N ALA H 66 -19.37 9.21 -26.85
CA ALA H 66 -19.74 8.72 -25.52
C ALA H 66 -18.55 8.16 -24.80
N GLY H 67 -18.40 8.52 -23.53
CA GLY H 67 -17.39 7.91 -22.67
C GLY H 67 -17.87 6.54 -22.27
N PRO H 68 -17.04 5.79 -21.53
CA PRO H 68 -17.48 4.45 -21.09
C PRO H 68 -18.45 4.55 -19.91
N VAL H 69 -19.01 3.42 -19.54
CA VAL H 69 -19.88 3.32 -18.39
C VAL H 69 -19.11 3.47 -17.10
N SER H 70 -19.67 4.19 -16.14
CA SER H 70 -19.17 4.25 -14.75
C SER H 70 -20.34 4.51 -13.82
N CYS H 71 -20.07 4.73 -12.54
CA CYS H 71 -21.12 4.83 -11.53
C CYS H 71 -21.35 6.22 -10.98
N LEU H 72 -22.44 6.33 -10.21
CA LEU H 72 -22.71 7.47 -9.35
C LEU H 72 -22.61 7.00 -7.91
N PRO H 73 -22.31 7.91 -6.98
CA PRO H 73 -22.09 7.50 -5.58
C PRO H 73 -23.36 7.10 -4.87
N HIS H 74 -23.24 6.75 -3.58
CA HIS H 74 -24.37 6.29 -2.80
C HIS H 74 -24.74 7.20 -1.64
N GLN H 79 -27.35 1.44 0.36
CA GLN H 79 -28.66 2.05 0.65
C GLN H 79 -29.71 1.51 -0.32
N SER H 80 -29.30 1.23 -1.55
CA SER H 80 -30.24 1.16 -2.66
C SER H 80 -29.50 0.68 -3.91
N PRO H 81 -30.24 0.39 -5.01
CA PRO H 81 -29.53 -0.23 -6.14
C PRO H 81 -28.41 0.63 -6.73
N ILE H 82 -27.45 -0.02 -7.40
CA ILE H 82 -26.39 0.70 -8.10
C ILE H 82 -26.95 1.47 -9.29
N THR H 83 -26.35 2.60 -9.60
CA THR H 83 -26.71 3.35 -10.81
C THR H 83 -25.46 3.66 -11.60
N TYR H 84 -25.52 3.37 -12.90
CA TYR H 84 -24.41 3.58 -13.79
C TYR H 84 -24.71 4.75 -14.70
N CYS H 85 -23.74 5.63 -14.90
CA CYS H 85 -23.88 6.73 -15.85
C CYS H 85 -22.94 6.60 -17.01
N VAL H 86 -23.41 7.00 -18.18
CA VAL H 86 -22.58 7.15 -19.36
C VAL H 86 -22.72 8.59 -19.89
N TYR H 87 -21.62 9.33 -19.91
CA TYR H 87 -21.61 10.68 -20.47
C TYR H 87 -21.48 10.61 -21.99
N VAL H 88 -22.28 11.41 -22.67
CA VAL H 88 -22.23 11.51 -24.13
C VAL H 88 -21.86 12.93 -24.51
N TYR H 89 -20.60 13.14 -24.82
CA TYR H 89 -20.07 14.49 -25.07
C TYR H 89 -20.42 14.98 -26.47
N CYS H 90 -20.56 16.29 -26.61
CA CYS H 90 -21.07 16.89 -27.86
C CYS H 90 -20.28 18.12 -28.30
N GLN H 91 -20.63 18.65 -29.46
CA GLN H 91 -20.07 19.90 -29.96
C GLN H 91 -20.67 21.10 -29.24
N ASN H 92 -21.98 21.24 -29.35
CA ASN H 92 -22.72 22.40 -28.90
C ASN H 92 -23.98 22.03 -28.16
N LYS H 93 -24.65 23.02 -27.58
CA LYS H 93 -25.92 22.78 -26.89
C LYS H 93 -27.04 22.26 -27.77
N ASP H 94 -26.99 22.65 -29.04
CA ASP H 94 -27.93 22.15 -30.04
C ASP H 94 -27.84 20.63 -30.31
N THR H 95 -26.61 20.13 -30.33
CA THR H 95 -26.34 18.70 -30.54
C THR H 95 -26.71 17.99 -29.26
N SER H 96 -26.41 18.61 -28.12
CA SER H 96 -26.63 17.96 -26.81
C SER H 96 -28.09 17.61 -26.59
N LYS H 97 -28.98 18.53 -26.95
CA LYS H 97 -30.42 18.28 -26.83
C LYS H 97 -30.84 17.22 -27.82
N LYS H 98 -30.30 17.28 -29.04
CA LYS H 98 -30.64 16.30 -30.08
C LYS H 98 -30.31 14.88 -29.66
N VAL H 99 -29.20 14.71 -28.94
CA VAL H 99 -28.82 13.40 -28.42
C VAL H 99 -29.85 12.94 -27.40
N GLN H 100 -30.30 13.89 -26.57
CA GLN H 100 -31.31 13.60 -25.57
C GLN H 100 -32.63 13.15 -26.24
N MET H 101 -32.97 13.76 -27.38
CA MET H 101 -34.14 13.35 -28.13
C MET H 101 -33.91 12.01 -28.84
N ALA H 102 -32.73 11.86 -29.42
CA ALA H 102 -32.37 10.67 -30.19
C ALA H 102 -32.62 9.39 -29.40
N ARG H 103 -32.14 9.37 -28.15
CA ARG H 103 -32.35 8.23 -27.28
C ARG H 103 -33.82 8.08 -26.92
N LEU H 104 -34.49 9.20 -26.66
CA LEU H 104 -35.91 9.19 -26.31
C LEU H 104 -36.72 8.57 -27.44
N ALA H 105 -36.30 8.79 -28.67
CA ALA H 105 -36.98 8.24 -29.83
C ALA H 105 -36.82 6.73 -29.86
N TRP H 106 -35.60 6.27 -29.65
CA TRP H 106 -35.29 4.85 -29.62
C TRP H 106 -36.07 4.15 -28.52
N GLU H 107 -36.22 4.83 -27.38
CA GLU H 107 -36.95 4.27 -26.24
C GLU H 107 -38.42 4.10 -26.54
N ALA H 108 -38.99 5.06 -27.25
CA ALA H 108 -40.38 4.96 -27.70
C ALA H 108 -40.46 3.94 -28.83
N SER H 109 -39.54 4.04 -29.77
CA SER H 109 -39.48 3.16 -30.94
C SER H 109 -39.43 1.69 -30.54
N HIS H 110 -38.43 1.33 -29.76
CA HIS H 110 -38.23 -0.05 -29.32
C HIS H 110 -38.61 -0.19 -27.86
N PRO H 111 -39.75 -0.83 -27.57
CA PRO H 111 -40.23 -0.93 -26.18
C PRO H 111 -39.31 -1.77 -25.33
N LEU H 112 -38.47 -2.56 -26.00
CA LEU H 112 -37.49 -3.43 -25.37
C LEU H 112 -36.59 -2.63 -24.42
N ALA H 113 -36.01 -1.55 -24.95
CA ALA H 113 -35.04 -0.75 -24.20
C ALA H 113 -35.66 -0.11 -22.95
N GLY H 114 -34.93 -0.16 -21.85
CA GLY H 114 -35.38 0.44 -20.58
C GLY H 114 -35.36 1.96 -20.69
N ASN H 115 -36.20 2.63 -19.91
CA ASN H 115 -36.29 4.09 -19.94
C ASN H 115 -35.23 4.77 -19.09
N LEU H 116 -34.14 5.19 -19.73
CA LEU H 116 -33.05 5.86 -19.04
C LEU H 116 -33.40 7.30 -18.72
N GLN H 117 -33.15 7.71 -17.47
CA GLN H 117 -33.21 9.13 -17.14
C GLN H 117 -31.93 9.79 -17.66
N SER H 118 -32.00 11.09 -17.99
CA SER H 118 -30.82 11.78 -18.47
C SER H 118 -30.94 13.29 -18.28
N SER H 119 -29.79 13.98 -18.26
CA SER H 119 -29.75 15.43 -18.11
C SER H 119 -28.70 16.05 -18.99
N ILE H 120 -28.95 17.26 -19.46
CA ILE H 120 -28.00 17.96 -20.29
C ILE H 120 -26.85 18.37 -19.40
N VAL H 121 -25.68 18.61 -19.98
CA VAL H 121 -24.51 18.95 -19.18
C VAL H 121 -23.80 20.18 -19.76
N LYS H 122 -23.37 21.07 -18.86
CA LYS H 122 -22.65 22.27 -19.24
C LYS H 122 -21.32 22.35 -18.55
N PHE H 123 -20.25 22.44 -19.33
CA PHE H 123 -18.90 22.58 -18.79
C PHE H 123 -18.48 24.04 -18.82
N LYS H 124 -17.59 24.44 -17.93
CA LYS H 124 -17.06 25.81 -17.94
C LYS H 124 -15.89 25.86 -18.91
N LYS H 125 -14.90 25.01 -18.69
CA LYS H 125 -13.74 24.90 -19.58
C LYS H 125 -13.96 23.85 -20.66
N PRO H 126 -13.45 24.07 -21.88
CA PRO H 126 -13.62 23.05 -22.93
C PRO H 126 -12.74 21.82 -22.66
N LEU H 127 -13.18 20.66 -23.16
CA LEU H 127 -12.42 19.42 -23.01
C LEU H 127 -11.68 19.13 -24.31
N PRO H 128 -10.65 18.25 -24.27
CA PRO H 128 -9.85 18.01 -25.48
C PRO H 128 -10.50 17.18 -26.61
N LEU H 129 -10.38 17.66 -27.85
CA LEU H 129 -10.74 16.88 -29.04
C LEU H 129 -9.48 16.56 -29.82
N THR H 130 -8.64 17.57 -30.06
CA THR H 130 -7.46 17.51 -30.95
C THR H 130 -7.11 18.92 -31.43
MG MG I . -12.64 -3.10 -19.23
MG MG J . 21.69 1.95 7.56
MG MG K . 5.74 -22.57 -3.20
MG MG L . 2.85 21.55 -8.54
#